data_7YL5
#
_entry.id   7YL5
#
_cell.length_a   43.312
_cell.length_b   273.164
_cell.length_c   322.789
_cell.angle_alpha   90.000
_cell.angle_beta   90.000
_cell.angle_gamma   90.000
#
_symmetry.space_group_name_H-M   'I 2 2 2'
#
loop_
_entity.id
_entity.type
_entity.pdbx_description
1 polymer 'GRAM_POS_ANCHORING domain-containing protein'
2 non-polymer 'CALCIUM ION'
3 non-polymer alpha-D-mannopyranose
4 non-polymer 'SULFATE ION'
5 water water
#
_entity_poly.entity_id   1
_entity_poly.type   'polypeptide(L)'
_entity_poly.pdbx_seq_one_letter_code
;MGSSHHHHHHSSGLVPRGSHMPDSFKIQRVYAATSRDITVYPKDFLTYFQRNGSAAGFDYDLATYTQTLTPNKASQAGNV
TLKTKVDMSQNFTFTGKINLGDKAQNAGGADGVGFLFHPGDTNVVGAPGGAAGIGGVNGAFGFKLDTYYNGVGENSFTPD
PSNFKGKPFGAFVDGLNGQAKTIASSAQSISEPSNNNFVDFTMSYNGATKVMSVTYGGQTWTQDVSSFVGTNQAMSFSIA
ASTGAFMNLQQLRNVNFTYTVAQGTVIANYVDEQGNTIAQQETTSGDIDTPYVTSQKTIPGYTFKASNGAATSGNYAAND
QTVNYVYTRNQGSIDVTYIDQTTGQTLSKKDLSGGTGDSSNYTTTDTIKSYTDAGYELVSDNYPSGGTVFTDTAQHYVVN
LKQKLVVSSEQKQVNETIQYVYEDGSKAADDYNAPPLNFTRSVTTNQVTGEKTYGDWQAQNGDSFGEVVSPTIKGETADQ
LKIDAISGITANSADIQKKVVYKRN
;
_entity_poly.pdbx_strand_id   A,B
#
# COMPACT_ATOMS: atom_id res chain seq x y z
N THR A 34 30.54 1.88 -13.68
CA THR A 34 30.93 1.90 -12.21
C THR A 34 31.15 0.43 -11.76
N SER A 35 31.61 0.22 -10.52
CA SER A 35 31.80 -1.11 -9.88
C SER A 35 30.51 -1.56 -9.17
N ARG A 36 29.52 -0.68 -9.04
CA ARG A 36 28.21 -0.93 -8.36
C ARG A 36 27.10 -1.17 -9.38
N ASP A 37 27.46 -1.25 -10.67
CA ASP A 37 26.60 -1.65 -11.80
C ASP A 37 26.28 -3.15 -11.65
N ILE A 38 25.04 -3.48 -11.29
CA ILE A 38 24.61 -4.89 -11.10
C ILE A 38 23.34 -5.14 -11.92
N THR A 39 23.09 -6.43 -12.17
CA THR A 39 21.87 -6.92 -12.86
C THR A 39 21.21 -7.97 -11.97
N VAL A 40 20.01 -7.67 -11.44
CA VAL A 40 19.27 -8.55 -10.48
C VAL A 40 18.69 -9.68 -11.31
N TYR A 41 19.03 -10.93 -11.02
CA TYR A 41 18.53 -12.08 -11.80
C TYR A 41 17.27 -12.62 -11.10
N PRO A 42 16.31 -13.18 -11.87
CA PRO A 42 15.09 -13.75 -11.30
C PRO A 42 15.28 -14.73 -10.14
N LYS A 43 16.31 -15.60 -10.22
CA LYS A 43 16.61 -16.62 -9.16
C LYS A 43 17.15 -15.94 -7.88
N ASP A 44 17.68 -14.71 -7.90
CA ASP A 44 18.34 -14.11 -6.71
C ASP A 44 17.45 -13.00 -6.16
N PHE A 45 16.22 -12.95 -6.61
CA PHE A 45 15.22 -11.88 -6.29
C PHE A 45 15.27 -11.56 -4.79
N LEU A 46 15.20 -12.61 -3.96
CA LEU A 46 14.98 -12.43 -2.50
C LEU A 46 16.27 -11.89 -1.87
N THR A 47 17.40 -12.13 -2.54
CA THR A 47 18.71 -11.52 -2.22
C THR A 47 18.53 -9.99 -2.22
N TYR A 48 18.08 -9.41 -3.33
CA TYR A 48 18.05 -7.93 -3.47
C TYR A 48 16.69 -7.35 -3.03
N PHE A 49 15.63 -8.15 -2.86
CA PHE A 49 14.28 -7.62 -2.54
C PHE A 49 13.73 -8.26 -1.29
N GLN A 50 12.94 -7.49 -0.52
CA GLN A 50 12.46 -7.89 0.84
C GLN A 50 10.93 -8.00 0.80
N ARG A 51 10.44 -9.21 0.92
CA ARG A 51 8.99 -9.46 1.00
C ARG A 51 8.51 -8.82 2.28
N ASN A 52 7.54 -7.93 2.20
CA ASN A 52 6.94 -7.24 3.36
C ASN A 52 5.42 -7.34 3.25
N GLY A 53 4.74 -7.34 4.40
CA GLY A 53 3.27 -7.40 4.48
C GLY A 53 2.80 -8.76 4.02
N SER A 54 1.59 -8.81 3.48
CA SER A 54 0.99 -10.05 2.92
C SER A 54 2.04 -10.87 2.19
N ALA A 55 2.92 -10.22 1.48
CA ALA A 55 3.91 -10.90 0.61
C ALA A 55 4.76 -11.86 1.45
N ALA A 56 4.98 -11.56 2.71
CA ALA A 56 5.89 -12.40 3.51
C ALA A 56 5.25 -13.76 3.80
N GLY A 57 3.95 -13.93 3.61
CA GLY A 57 3.29 -15.25 3.70
C GLY A 57 3.55 -16.17 2.49
N PHE A 58 4.16 -15.71 1.43
CA PHE A 58 4.28 -16.54 0.22
C PHE A 58 5.75 -16.69 -0.09
N ASP A 59 6.23 -17.92 -0.26
CA ASP A 59 7.66 -18.19 -0.57
C ASP A 59 7.88 -17.77 -2.02
N TYR A 60 9.09 -17.52 -2.45
CA TYR A 60 9.30 -17.27 -3.90
C TYR A 60 9.22 -18.65 -4.58
N ASP A 61 8.24 -18.89 -5.47
CA ASP A 61 8.21 -20.12 -6.31
C ASP A 61 9.30 -19.94 -7.37
N LEU A 62 10.29 -20.85 -7.38
CA LEU A 62 11.51 -20.78 -8.21
C LEU A 62 11.30 -21.57 -9.51
N ALA A 63 10.20 -22.32 -9.59
CA ALA A 63 9.77 -22.96 -10.85
C ALA A 63 9.24 -21.86 -11.78
N THR A 64 8.25 -21.08 -11.32
CA THR A 64 7.65 -20.00 -12.14
C THR A 64 8.46 -18.71 -12.02
N TYR A 65 9.17 -18.50 -10.91
CA TYR A 65 9.82 -17.20 -10.58
C TYR A 65 8.71 -16.19 -10.27
N THR A 66 7.79 -16.55 -9.36
CA THR A 66 6.55 -15.78 -9.11
C THR A 66 6.49 -15.41 -7.62
N GLN A 67 6.25 -14.13 -7.32
CA GLN A 67 6.11 -13.67 -5.92
C GLN A 67 4.71 -13.10 -5.74
N THR A 68 3.90 -13.76 -4.91
CA THR A 68 2.57 -13.18 -4.64
C THR A 68 2.81 -11.88 -3.87
N LEU A 69 2.18 -10.78 -4.26
CA LEU A 69 2.14 -9.57 -3.40
C LEU A 69 0.91 -9.57 -2.50
N THR A 70 -0.27 -9.66 -3.11
CA THR A 70 -1.56 -9.98 -2.40
C THR A 70 -2.17 -11.28 -2.92
N PRO A 71 -2.82 -12.04 -2.03
CA PRO A 71 -3.64 -13.18 -2.41
C PRO A 71 -5.01 -12.62 -2.78
N ASN A 72 -5.94 -13.50 -3.21
CA ASN A 72 -7.29 -13.06 -3.63
C ASN A 72 -8.20 -12.93 -2.41
N LYS A 73 -7.72 -12.33 -1.32
CA LYS A 73 -8.51 -12.10 -0.09
C LYS A 73 -8.73 -10.59 0.02
N ALA A 74 -9.52 -10.09 0.99
CA ALA A 74 -9.88 -8.65 1.21
C ALA A 74 -8.86 -7.96 2.14
N SER A 75 -8.81 -6.62 2.15
CA SER A 75 -7.98 -5.83 3.08
C SER A 75 -6.62 -6.50 3.26
N GLN A 76 -5.90 -6.70 2.15
CA GLN A 76 -4.50 -7.21 2.11
C GLN A 76 -3.58 -6.07 1.62
N ALA A 77 -2.32 -6.12 2.05
CA ALA A 77 -1.23 -5.23 1.59
C ALA A 77 0.07 -6.02 1.64
N GLY A 78 0.81 -5.96 0.55
CA GLY A 78 2.10 -6.62 0.41
C GLY A 78 2.95 -5.85 -0.59
N ASN A 79 4.27 -5.98 -0.49
CA ASN A 79 5.22 -5.21 -1.32
C ASN A 79 6.55 -5.96 -1.34
N VAL A 80 7.42 -5.57 -2.22
CA VAL A 80 8.82 -5.99 -2.04
C VAL A 80 9.48 -4.65 -1.97
N THR A 81 10.43 -4.44 -1.04
CA THR A 81 11.39 -3.28 -0.98
C THR A 81 12.79 -3.72 -1.47
N LEU A 82 13.40 -2.86 -2.27
CA LEU A 82 14.79 -3.07 -2.72
C LEU A 82 15.63 -2.90 -1.45
N LYS A 83 16.62 -3.78 -1.29
CA LYS A 83 17.47 -3.84 -0.07
C LYS A 83 18.47 -2.68 -0.07
N THR A 84 18.83 -2.14 -1.24
CA THR A 84 19.73 -0.97 -1.41
C THR A 84 18.91 0.26 -1.85
N LYS A 85 19.57 1.26 -2.43
CA LYS A 85 18.86 2.36 -3.12
C LYS A 85 19.35 2.39 -4.57
N VAL A 86 18.97 3.41 -5.33
CA VAL A 86 19.32 3.41 -6.77
C VAL A 86 19.97 4.74 -7.13
N ASP A 87 21.20 4.70 -7.65
CA ASP A 87 21.89 5.87 -8.23
C ASP A 87 21.06 6.36 -9.42
N MET A 88 20.36 7.50 -9.22
CA MET A 88 19.42 8.13 -10.22
C MET A 88 20.23 9.04 -11.18
N SER A 89 21.55 8.87 -11.10
CA SER A 89 22.52 9.46 -12.03
C SER A 89 23.19 8.33 -12.80
N GLN A 90 22.56 7.16 -12.79
CA GLN A 90 22.92 6.00 -13.65
C GLN A 90 21.66 5.44 -14.28
N ASN A 91 21.82 4.70 -15.38
CA ASN A 91 20.75 4.01 -16.18
C ASN A 91 20.23 2.79 -15.41
N PHE A 92 18.91 2.55 -15.44
CA PHE A 92 18.26 1.32 -14.87
C PHE A 92 17.16 0.81 -15.82
N THR A 93 17.10 -0.53 -15.92
CA THR A 93 16.23 -1.29 -16.84
C THR A 93 15.49 -2.36 -16.02
N PHE A 94 14.18 -2.18 -15.80
CA PHE A 94 13.33 -3.14 -15.04
C PHE A 94 12.37 -3.89 -15.95
N THR A 95 12.43 -5.21 -15.90
CA THR A 95 11.69 -6.13 -16.81
C THR A 95 10.95 -7.15 -15.97
N GLY A 96 9.70 -7.41 -16.32
CA GLY A 96 9.06 -8.62 -15.77
C GLY A 96 7.63 -8.79 -16.23
N LYS A 97 6.90 -9.65 -15.52
CA LYS A 97 5.47 -9.89 -15.83
C LYS A 97 4.68 -9.61 -14.55
N ILE A 98 3.47 -9.02 -14.74
CA ILE A 98 2.48 -8.68 -13.66
C ILE A 98 1.12 -9.34 -13.91
N ASN A 99 0.69 -10.17 -12.97
CA ASN A 99 -0.73 -10.56 -12.81
C ASN A 99 -1.50 -9.50 -11.95
N LEU A 100 -2.40 -8.76 -12.57
CA LEU A 100 -3.29 -7.82 -11.87
C LEU A 100 -4.55 -8.51 -11.27
N GLY A 101 -4.77 -9.81 -11.54
CA GLY A 101 -5.89 -10.63 -10.99
C GLY A 101 -6.83 -11.35 -11.99
N ASP A 102 -8.03 -11.72 -11.51
CA ASP A 102 -9.17 -12.25 -12.31
C ASP A 102 -10.39 -11.30 -12.31
N LYS A 103 -10.77 -10.62 -11.24
CA LYS A 103 -11.90 -9.61 -11.32
C LYS A 103 -11.49 -8.21 -11.84
N ALA A 104 -12.41 -7.52 -12.51
CA ALA A 104 -12.31 -6.08 -12.82
C ALA A 104 -13.12 -5.32 -11.79
N GLN A 105 -13.08 -3.99 -11.84
CA GLN A 105 -13.71 -3.19 -10.74
C GLN A 105 -15.17 -3.61 -10.59
N ASN A 106 -15.92 -3.59 -11.69
CA ASN A 106 -17.36 -3.94 -11.74
C ASN A 106 -17.55 -5.32 -11.09
N ALA A 107 -16.72 -6.33 -11.37
CA ALA A 107 -16.91 -7.71 -10.82
C ALA A 107 -16.42 -7.87 -9.38
N GLY A 108 -15.84 -6.79 -8.78
CA GLY A 108 -15.30 -6.67 -7.40
C GLY A 108 -13.79 -6.82 -7.33
N GLY A 109 -13.07 -6.19 -8.28
CA GLY A 109 -11.61 -6.31 -8.48
C GLY A 109 -10.91 -5.08 -7.94
N ALA A 110 -9.90 -5.24 -7.10
CA ALA A 110 -9.13 -4.11 -6.53
C ALA A 110 -7.73 -4.57 -6.15
N ASP A 111 -6.75 -3.67 -5.85
CA ASP A 111 -6.77 -2.20 -6.02
C ASP A 111 -5.76 -1.81 -7.12
N GLY A 112 -4.75 -2.66 -7.38
CA GLY A 112 -3.74 -2.37 -8.40
C GLY A 112 -2.36 -2.68 -7.90
N VAL A 113 -1.34 -2.28 -8.63
CA VAL A 113 0.06 -2.45 -8.18
C VAL A 113 0.67 -1.08 -8.33
N GLY A 114 1.42 -0.60 -7.32
CA GLY A 114 2.19 0.65 -7.41
C GLY A 114 3.71 0.42 -7.34
N PHE A 115 4.48 1.20 -8.14
CA PHE A 115 5.96 1.32 -8.11
C PHE A 115 6.35 2.68 -7.51
N LEU A 116 7.09 2.63 -6.38
CA LEU A 116 7.42 3.77 -5.50
C LEU A 116 8.93 4.02 -5.59
N PHE A 117 9.20 5.33 -5.71
CA PHE A 117 10.54 5.94 -5.73
C PHE A 117 10.52 7.10 -4.74
N HIS A 118 11.26 6.96 -3.64
CA HIS A 118 11.42 8.00 -2.58
C HIS A 118 12.87 8.04 -2.08
N PRO A 119 13.27 9.17 -1.46
CA PRO A 119 14.63 9.32 -0.93
C PRO A 119 14.87 8.78 0.50
N GLY A 120 13.84 8.73 1.35
CA GLY A 120 13.86 8.14 2.71
C GLY A 120 14.33 6.67 2.80
N ASP A 121 13.89 6.01 3.89
CA ASP A 121 14.37 4.68 4.39
C ASP A 121 14.02 3.61 3.32
N THR A 122 14.93 2.68 3.00
CA THR A 122 14.65 1.52 2.08
C THR A 122 13.37 0.81 2.56
N ASN A 123 13.21 0.64 3.87
CA ASN A 123 12.16 -0.18 4.53
C ASN A 123 10.87 0.62 4.69
N VAL A 124 10.67 1.72 3.96
CA VAL A 124 9.40 2.49 3.98
C VAL A 124 8.62 2.20 2.70
N VAL A 125 7.30 2.11 2.83
CA VAL A 125 6.32 1.86 1.73
C VAL A 125 5.18 2.82 1.93
N GLY A 126 4.43 3.04 0.86
CA GLY A 126 3.40 4.07 0.86
C GLY A 126 2.12 3.47 1.35
N ALA A 127 1.07 4.30 1.45
CA ALA A 127 -0.29 3.91 1.92
C ALA A 127 -0.95 3.02 0.87
N PRO A 128 -1.82 2.07 1.27
CA PRO A 128 -2.57 1.28 0.31
C PRO A 128 -3.80 2.08 -0.20
N GLY A 129 -4.59 1.48 -1.11
CA GLY A 129 -5.83 2.07 -1.67
C GLY A 129 -5.51 3.13 -2.74
N GLY A 130 -6.11 4.32 -2.62
CA GLY A 130 -6.00 5.41 -3.63
C GLY A 130 -4.56 5.93 -3.73
N ALA A 131 -3.81 5.76 -2.65
CA ALA A 131 -2.38 6.12 -2.61
C ALA A 131 -1.53 5.13 -3.42
N ALA A 132 -2.10 3.98 -3.80
CA ALA A 132 -1.49 2.92 -4.65
C ALA A 132 -0.04 2.56 -4.24
N GLY A 133 0.41 2.91 -3.03
CA GLY A 133 1.72 2.49 -2.48
C GLY A 133 2.79 3.46 -2.85
N ILE A 134 2.33 4.62 -3.31
CA ILE A 134 3.11 5.86 -3.53
C ILE A 134 2.73 6.90 -2.46
N GLY A 135 1.45 7.22 -2.27
CA GLY A 135 1.09 8.35 -1.40
C GLY A 135 1.43 8.03 0.05
N GLY A 136 1.58 9.07 0.89
CA GLY A 136 1.93 8.95 2.32
C GLY A 136 3.43 9.01 2.55
N VAL A 137 4.27 8.90 1.53
CA VAL A 137 5.73 9.08 1.66
C VAL A 137 6.00 10.43 1.01
N ASN A 138 7.07 11.09 1.52
CA ASN A 138 7.65 12.41 1.13
C ASN A 138 8.74 12.17 0.05
N GLY A 139 8.59 12.96 -1.01
CA GLY A 139 9.54 13.02 -2.13
C GLY A 139 9.38 11.79 -2.94
N ALA A 140 8.10 11.40 -3.09
CA ALA A 140 7.67 10.07 -3.58
C ALA A 140 7.12 10.30 -4.96
N PHE A 141 7.53 9.47 -5.90
CA PHE A 141 7.02 9.52 -7.30
C PHE A 141 6.91 8.03 -7.68
N GLY A 142 6.31 7.75 -8.83
CA GLY A 142 6.44 6.45 -9.51
C GLY A 142 5.23 6.20 -10.38
N PHE A 143 5.07 4.94 -10.76
CA PHE A 143 4.05 4.45 -11.71
C PHE A 143 3.03 3.58 -10.98
N LYS A 144 1.72 3.83 -11.14
CA LYS A 144 0.65 2.89 -10.70
C LYS A 144 0.02 2.14 -11.89
N LEU A 145 -0.50 0.94 -11.62
CA LEU A 145 -1.52 0.25 -12.44
C LEU A 145 -2.82 0.19 -11.62
N ASP A 146 -3.70 1.22 -11.66
CA ASP A 146 -4.87 1.40 -10.74
C ASP A 146 -6.05 0.55 -11.19
N THR A 147 -6.37 -0.54 -10.48
CA THR A 147 -7.39 -1.50 -10.97
C THR A 147 -8.69 -1.20 -10.26
N TYR A 148 -8.81 0.03 -9.72
CA TYR A 148 -10.00 0.50 -8.95
C TYR A 148 -10.02 2.03 -8.96
N TYR A 149 -11.19 2.62 -9.23
CA TYR A 149 -11.33 4.09 -9.38
C TYR A 149 -11.79 4.67 -8.07
N ASN A 150 -11.02 5.63 -7.54
CA ASN A 150 -11.30 6.25 -6.23
C ASN A 150 -11.63 7.67 -6.61
N GLY A 151 -12.90 8.03 -6.54
CA GLY A 151 -13.31 9.40 -6.90
C GLY A 151 -13.33 10.31 -5.70
N VAL A 152 -13.68 9.72 -4.56
CA VAL A 152 -13.66 10.35 -3.21
C VAL A 152 -12.20 10.30 -2.73
N GLY A 153 -11.57 11.47 -2.64
CA GLY A 153 -10.14 11.64 -2.23
C GLY A 153 -9.96 11.84 -0.73
N GLU A 154 -8.78 11.49 -0.18
CA GLU A 154 -8.46 11.82 1.25
C GLU A 154 -7.02 12.37 1.32
N ASN A 155 -6.30 12.20 2.44
CA ASN A 155 -4.97 12.84 2.71
C ASN A 155 -3.91 12.10 1.88
N SER A 156 -4.02 10.79 1.80
CA SER A 156 -2.99 9.92 1.16
C SER A 156 -2.92 10.18 -0.35
N PHE A 157 -4.02 10.69 -0.98
CA PHE A 157 -4.23 10.70 -2.46
C PHE A 157 -5.36 11.66 -2.88
N THR A 158 -5.13 12.37 -4.02
CA THR A 158 -6.11 13.23 -4.74
C THR A 158 -6.95 12.31 -5.64
N PRO A 159 -8.26 12.58 -5.78
CA PRO A 159 -9.16 11.69 -6.51
C PRO A 159 -8.49 11.18 -7.77
N ASP A 160 -8.89 10.02 -8.26
CA ASP A 160 -8.44 9.46 -9.58
C ASP A 160 -9.09 10.25 -10.72
N PRO A 161 -8.40 10.38 -11.89
CA PRO A 161 -8.89 11.20 -13.01
C PRO A 161 -10.34 10.88 -13.43
N SER A 162 -11.23 11.86 -13.53
CA SER A 162 -12.69 11.61 -13.68
C SER A 162 -12.96 10.88 -15.01
N ASN A 163 -12.12 11.17 -16.02
CA ASN A 163 -12.15 10.56 -17.39
C ASN A 163 -11.82 9.04 -17.35
N PHE A 164 -11.51 8.46 -16.18
CA PHE A 164 -11.31 7.01 -16.03
C PHE A 164 -12.20 6.44 -14.90
N LYS A 165 -13.39 7.01 -14.68
CA LYS A 165 -14.44 6.41 -13.80
C LYS A 165 -14.57 4.91 -14.05
N GLY A 166 -14.64 4.05 -13.03
CA GLY A 166 -14.69 2.57 -13.17
C GLY A 166 -13.86 1.98 -14.33
N LYS A 167 -12.75 2.60 -14.75
CA LYS A 167 -11.94 2.02 -15.85
C LYS A 167 -10.54 1.79 -15.33
N PRO A 168 -9.93 0.61 -15.64
CA PRO A 168 -8.53 0.32 -15.33
C PRO A 168 -7.64 1.24 -16.18
N PHE A 169 -6.61 1.79 -15.52
CA PHE A 169 -5.68 2.79 -16.10
C PHE A 169 -4.33 2.67 -15.43
N GLY A 170 -3.28 3.08 -16.15
CA GLY A 170 -1.89 3.18 -15.67
C GLY A 170 -1.37 4.58 -15.88
N ALA A 171 -0.71 5.15 -14.85
CA ALA A 171 -0.32 6.58 -14.74
C ALA A 171 1.00 6.74 -14.00
N PHE A 172 1.49 7.97 -14.01
CA PHE A 172 2.58 8.41 -13.14
C PHE A 172 1.96 9.18 -11.97
N VAL A 173 2.63 9.11 -10.81
CA VAL A 173 2.15 9.77 -9.57
C VAL A 173 3.22 10.66 -8.93
N ASP A 174 2.78 11.86 -8.55
CA ASP A 174 3.56 12.92 -7.87
C ASP A 174 3.20 12.88 -6.39
N GLY A 175 4.02 12.19 -5.57
CA GLY A 175 3.81 12.03 -4.12
C GLY A 175 4.84 12.77 -3.30
N LEU A 176 5.28 13.93 -3.79
CA LEU A 176 6.36 14.73 -3.18
C LEU A 176 5.78 15.30 -1.91
N ASN A 177 4.65 15.98 -2.03
CA ASN A 177 3.98 16.60 -0.87
C ASN A 177 3.28 15.57 0.03
N GLY A 178 3.67 14.27 0.05
CA GLY A 178 3.02 13.20 0.84
C GLY A 178 1.79 12.59 0.17
N GLN A 179 0.83 13.44 -0.25
CA GLN A 179 -0.44 13.19 -1.02
C GLN A 179 -0.12 12.74 -2.45
N ALA A 180 -0.50 11.51 -2.85
CA ALA A 180 -0.20 10.99 -4.20
C ALA A 180 -1.19 11.64 -5.16
N LYS A 181 -0.65 12.39 -6.12
CA LYS A 181 -1.41 13.08 -7.19
C LYS A 181 -1.09 12.27 -8.44
N THR A 182 -2.11 11.77 -9.15
CA THR A 182 -2.00 11.06 -10.46
C THR A 182 -1.91 12.07 -11.60
N ILE A 183 -0.85 12.03 -12.39
CA ILE A 183 -0.71 12.99 -13.53
C ILE A 183 -1.64 12.56 -14.67
N ALA A 184 -2.66 13.35 -15.00
CA ALA A 184 -3.68 12.93 -16.02
C ALA A 184 -3.07 12.90 -17.44
N SER A 185 -2.04 13.72 -17.72
CA SER A 185 -1.16 13.69 -18.93
C SER A 185 -0.46 12.34 -19.12
N SER A 186 -0.40 11.48 -18.08
CA SER A 186 0.19 10.11 -18.13
C SER A 186 -0.93 9.06 -18.04
N ALA A 187 -2.11 9.46 -17.56
CA ALA A 187 -3.30 8.57 -17.43
C ALA A 187 -3.62 7.89 -18.79
N GLN A 188 -3.33 6.60 -18.92
CA GLN A 188 -3.66 5.81 -20.15
C GLN A 188 -4.41 4.57 -19.68
N SER A 189 -5.36 4.03 -20.46
CA SER A 189 -6.07 2.75 -20.12
C SER A 189 -5.14 1.52 -20.26
N ILE A 190 -5.46 0.52 -19.46
CA ILE A 190 -4.77 -0.79 -19.48
C ILE A 190 -5.88 -1.84 -19.60
N SER A 191 -5.47 -3.05 -19.96
CA SER A 191 -6.35 -4.24 -20.07
C SER A 191 -6.80 -4.72 -18.68
N GLU A 192 -8.08 -5.04 -18.53
CA GLU A 192 -8.65 -5.51 -17.24
C GLU A 192 -7.96 -6.80 -16.81
N PRO A 193 -7.70 -6.97 -15.51
CA PRO A 193 -7.18 -8.21 -14.99
C PRO A 193 -8.12 -9.31 -15.41
N SER A 194 -7.57 -10.36 -15.99
CA SER A 194 -8.36 -11.40 -16.71
C SER A 194 -7.74 -12.76 -16.43
N ASN A 195 -8.49 -13.69 -15.86
CA ASN A 195 -8.04 -15.11 -15.69
C ASN A 195 -6.61 -15.22 -15.12
N ASN A 196 -6.21 -14.28 -14.23
CA ASN A 196 -4.93 -14.27 -13.43
C ASN A 196 -3.67 -14.36 -14.36
N ASN A 197 -3.76 -13.59 -15.43
CA ASN A 197 -2.78 -13.69 -16.54
C ASN A 197 -1.67 -12.69 -16.25
N PHE A 198 -0.47 -13.02 -16.65
CA PHE A 198 0.71 -12.15 -16.56
C PHE A 198 1.00 -11.40 -17.87
N VAL A 199 0.79 -10.08 -17.85
CA VAL A 199 1.19 -9.11 -18.93
C VAL A 199 2.63 -8.62 -18.69
N ASP A 200 3.39 -8.41 -19.77
CA ASP A 200 4.78 -7.90 -19.66
C ASP A 200 4.76 -6.41 -19.26
N PHE A 201 5.64 -6.07 -18.29
CA PHE A 201 5.96 -4.72 -17.75
C PHE A 201 7.45 -4.45 -17.97
N THR A 202 7.73 -3.21 -18.42
CA THR A 202 9.10 -2.64 -18.57
C THR A 202 9.11 -1.19 -18.09
N MET A 203 10.05 -0.90 -17.18
CA MET A 203 10.41 0.46 -16.69
C MET A 203 11.89 0.69 -16.98
N SER A 204 12.17 1.66 -17.84
CA SER A 204 13.55 1.99 -18.23
C SER A 204 13.84 3.43 -17.83
N TYR A 205 15.11 3.69 -17.48
CA TYR A 205 15.57 4.98 -16.94
C TYR A 205 16.97 5.38 -17.44
N ASN A 206 17.05 6.55 -18.09
CA ASN A 206 18.33 7.20 -18.42
C ASN A 206 18.76 8.11 -17.26
N GLY A 207 19.91 7.78 -16.67
CA GLY A 207 20.58 8.55 -15.59
C GLY A 207 20.76 10.01 -15.96
N ALA A 208 21.30 10.25 -17.18
CA ALA A 208 21.64 11.58 -17.72
C ALA A 208 20.39 12.32 -18.26
N THR A 209 19.50 11.69 -19.02
CA THR A 209 18.24 12.34 -19.49
C THR A 209 17.33 12.68 -18.29
N LYS A 210 17.33 11.76 -17.29
CA LYS A 210 16.32 11.67 -16.19
C LYS A 210 14.92 11.44 -16.78
N VAL A 211 14.81 10.55 -17.77
CA VAL A 211 13.52 10.21 -18.42
C VAL A 211 13.24 8.75 -18.10
N MET A 212 11.97 8.48 -17.69
CA MET A 212 11.43 7.14 -17.32
C MET A 212 10.49 6.69 -18.43
N SER A 213 10.70 5.46 -18.89
CA SER A 213 9.96 4.81 -19.99
C SER A 213 9.33 3.49 -19.46
N VAL A 214 8.00 3.46 -19.39
CA VAL A 214 7.21 2.29 -18.91
C VAL A 214 6.43 1.76 -20.09
N THR A 215 6.58 0.45 -20.38
CA THR A 215 5.72 -0.33 -21.32
C THR A 215 4.95 -1.39 -20.53
N TYR A 216 3.61 -1.38 -20.67
CA TYR A 216 2.69 -2.42 -20.16
C TYR A 216 1.72 -2.88 -21.25
N GLY A 217 1.97 -4.07 -21.85
CA GLY A 217 1.17 -4.66 -22.95
C GLY A 217 0.82 -3.64 -24.02
N GLY A 218 1.84 -3.15 -24.75
CA GLY A 218 1.62 -2.30 -25.94
C GLY A 218 0.76 -1.08 -25.59
N GLN A 219 0.96 -0.54 -24.39
CA GLN A 219 0.73 0.87 -23.98
C GLN A 219 2.08 1.32 -23.48
N THR A 220 2.57 2.47 -23.93
CA THR A 220 3.88 3.02 -23.49
C THR A 220 3.61 4.32 -22.74
N TRP A 221 4.51 4.65 -21.81
CA TRP A 221 4.49 5.92 -21.04
C TRP A 221 5.88 6.55 -21.16
N THR A 222 5.95 7.88 -21.13
CA THR A 222 7.21 8.68 -21.01
C THR A 222 6.99 9.89 -20.10
N GLN A 223 8.03 10.24 -19.36
CA GLN A 223 7.99 11.41 -18.44
C GLN A 223 9.44 11.71 -18.03
N ASP A 224 9.75 13.02 -17.97
CA ASP A 224 10.99 13.60 -17.38
C ASP A 224 10.80 13.65 -15.86
N VAL A 225 11.56 12.81 -15.17
CA VAL A 225 11.46 12.69 -13.70
C VAL A 225 12.55 13.53 -13.00
N SER A 226 13.19 14.48 -13.70
CA SER A 226 14.21 15.40 -13.10
C SER A 226 13.50 16.29 -12.07
N SER A 227 12.26 16.72 -12.34
CA SER A 227 11.41 17.54 -11.41
C SER A 227 11.16 16.82 -10.07
N PHE A 228 11.64 15.57 -9.90
CA PHE A 228 11.34 14.69 -8.75
C PHE A 228 12.65 14.22 -8.12
N VAL A 229 13.63 13.77 -8.92
CA VAL A 229 14.90 13.21 -8.37
C VAL A 229 15.69 14.33 -7.68
N GLY A 230 15.52 15.59 -8.14
CA GLY A 230 16.10 16.80 -7.53
C GLY A 230 17.61 16.83 -7.58
N THR A 231 18.26 16.48 -6.46
CA THR A 231 19.74 16.32 -6.35
C THR A 231 20.07 14.97 -5.73
N ASN A 232 19.08 14.30 -5.12
CA ASN A 232 19.30 13.16 -4.18
C ASN A 232 20.19 12.14 -4.88
N GLN A 233 19.90 11.79 -6.13
CA GLN A 233 20.68 10.78 -6.90
C GLN A 233 20.88 9.51 -6.02
N ALA A 234 19.89 9.16 -5.19
CA ALA A 234 19.78 7.87 -4.44
C ALA A 234 18.38 7.76 -3.84
N MET A 235 17.53 6.96 -4.51
CA MET A 235 16.10 6.77 -4.18
C MET A 235 15.87 5.30 -3.82
N SER A 236 14.92 5.05 -2.89
CA SER A 236 14.51 3.68 -2.50
C SER A 236 13.38 3.31 -3.44
N PHE A 237 13.26 2.00 -3.70
CA PHE A 237 12.37 1.39 -4.72
C PHE A 237 11.52 0.39 -3.97
N SER A 238 10.19 0.49 -4.17
CA SER A 238 9.16 -0.36 -3.53
C SER A 238 8.08 -0.71 -4.56
N ILE A 239 7.86 -2.00 -4.85
CA ILE A 239 6.71 -2.51 -5.67
C ILE A 239 5.69 -3.08 -4.69
N ALA A 240 4.45 -2.56 -4.73
CA ALA A 240 3.44 -2.73 -3.65
C ALA A 240 2.04 -2.89 -4.22
N ALA A 241 1.38 -3.97 -3.78
CA ALA A 241 -0.01 -4.35 -4.14
C ALA A 241 -0.90 -4.18 -2.92
N SER A 242 -2.20 -4.03 -3.15
CA SER A 242 -3.22 -3.60 -2.16
C SER A 242 -4.60 -4.17 -2.56
N THR A 243 -5.27 -4.89 -1.68
CA THR A 243 -6.73 -5.15 -1.84
C THR A 243 -7.49 -4.42 -0.74
N GLY A 244 -8.81 -4.27 -0.93
CA GLY A 244 -9.69 -3.74 0.12
C GLY A 244 -10.94 -4.54 0.31
N ALA A 245 -12.10 -3.92 0.07
CA ALA A 245 -13.45 -4.57 0.00
C ALA A 245 -13.45 -5.52 -1.22
N PHE A 246 -12.98 -4.98 -2.35
CA PHE A 246 -12.81 -5.73 -3.61
C PHE A 246 -11.41 -6.30 -3.59
N MET A 247 -11.20 -7.40 -4.29
CA MET A 247 -9.88 -8.07 -4.19
C MET A 247 -9.41 -8.47 -5.57
N ASN A 248 -8.24 -9.10 -5.64
CA ASN A 248 -7.61 -9.63 -6.87
C ASN A 248 -6.31 -10.30 -6.44
N LEU A 249 -5.98 -11.43 -7.04
CA LEU A 249 -4.59 -11.97 -6.92
C LEU A 249 -3.68 -10.97 -7.64
N GLN A 250 -2.79 -10.30 -6.92
CA GLN A 250 -1.73 -9.50 -7.57
C GLN A 250 -0.41 -10.23 -7.38
N GLN A 251 0.34 -10.48 -8.45
CA GLN A 251 1.63 -11.24 -8.35
C GLN A 251 2.66 -10.69 -9.34
N LEU A 252 3.96 -10.94 -9.07
CA LEU A 252 5.11 -10.55 -9.93
C LEU A 252 5.86 -11.81 -10.43
N ARG A 253 6.39 -11.73 -11.64
CA ARG A 253 7.09 -12.90 -12.20
C ARG A 253 8.21 -12.42 -13.13
N ASN A 254 9.39 -13.08 -13.04
CA ASN A 254 10.56 -13.04 -13.98
C ASN A 254 11.20 -11.66 -13.95
N VAL A 255 11.58 -11.23 -12.73
CA VAL A 255 12.05 -9.84 -12.45
C VAL A 255 13.52 -9.79 -12.79
N ASN A 256 13.82 -8.96 -13.79
CA ASN A 256 15.18 -8.59 -14.31
C ASN A 256 15.36 -7.08 -14.06
N PHE A 257 16.08 -6.70 -12.99
CA PHE A 257 16.47 -5.31 -12.63
C PHE A 257 17.99 -5.14 -12.86
N THR A 258 18.38 -4.38 -13.89
CA THR A 258 19.79 -3.91 -14.09
C THR A 258 19.89 -2.44 -13.67
N TYR A 259 20.69 -2.15 -12.63
CA TYR A 259 20.83 -0.81 -12.01
C TYR A 259 22.17 -0.66 -11.31
N THR A 260 22.48 0.61 -11.03
CA THR A 260 23.65 1.00 -10.23
C THR A 260 23.21 1.18 -8.79
N VAL A 261 23.73 0.32 -7.91
CA VAL A 261 23.58 0.39 -6.42
C VAL A 261 24.04 1.80 -6.02
N ALA A 262 23.18 2.66 -5.45
CA ALA A 262 23.65 3.95 -4.88
C ALA A 262 24.52 3.65 -3.66
N GLN A 263 25.32 4.65 -3.30
CA GLN A 263 26.35 4.55 -2.23
C GLN A 263 25.75 5.17 -0.95
N GLY A 264 26.13 4.63 0.21
CA GLY A 264 25.63 5.08 1.53
C GLY A 264 26.18 6.43 1.92
N THR A 265 25.46 7.17 2.77
CA THR A 265 25.90 8.50 3.26
C THR A 265 26.12 8.31 4.77
N VAL A 266 27.08 9.08 5.32
CA VAL A 266 27.31 9.32 6.77
C VAL A 266 27.22 10.83 7.02
N ILE A 267 26.35 11.24 7.89
CA ILE A 267 26.26 12.68 8.28
C ILE A 267 27.01 12.77 9.59
N ALA A 268 27.77 13.83 9.84
CA ALA A 268 28.43 14.04 11.13
C ALA A 268 28.12 15.43 11.60
N ASN A 269 27.48 15.58 12.74
CA ASN A 269 27.01 16.92 13.15
C ASN A 269 27.85 17.32 14.33
N TYR A 270 28.10 18.59 14.47
CA TYR A 270 28.97 19.01 15.57
C TYR A 270 28.15 19.99 16.37
N VAL A 271 27.59 19.52 17.50
CA VAL A 271 26.55 20.30 18.27
C VAL A 271 26.92 20.39 19.74
N ASP A 272 26.32 21.38 20.38
CA ASP A 272 26.62 21.69 21.80
C ASP A 272 25.73 20.79 22.62
N GLU A 273 25.71 21.05 23.93
CA GLU A 273 25.06 20.14 24.90
C GLU A 273 23.54 20.31 24.71
N GLN A 274 23.09 21.49 24.33
CA GLN A 274 21.62 21.76 24.19
C GLN A 274 21.12 21.57 22.75
N GLY A 275 21.81 20.73 21.92
CA GLY A 275 21.48 20.46 20.50
C GLY A 275 21.93 21.55 19.48
N ASN A 276 22.00 22.85 19.82
CA ASN A 276 22.44 23.95 18.89
C ASN A 276 23.72 23.53 18.14
N THR A 277 23.75 23.72 16.82
CA THR A 277 24.92 23.30 16.01
C THR A 277 26.02 24.34 16.26
N ILE A 278 27.28 23.89 16.43
CA ILE A 278 28.45 24.76 16.77
C ILE A 278 29.58 24.57 15.75
N ALA A 279 29.40 23.74 14.75
CA ALA A 279 30.41 23.63 13.67
C ALA A 279 29.73 22.94 12.48
N GLN A 280 30.06 23.38 11.27
CA GLN A 280 29.45 22.86 10.02
C GLN A 280 29.45 21.32 10.05
N GLN A 281 28.37 20.72 9.53
CA GLN A 281 28.21 19.25 9.38
C GLN A 281 29.07 18.67 8.26
N GLU A 282 29.36 17.38 8.27
CA GLU A 282 30.23 16.82 7.22
C GLU A 282 29.51 15.63 6.57
N THR A 283 28.83 15.83 5.44
CA THR A 283 28.09 14.74 4.71
C THR A 283 29.03 14.01 3.78
N THR A 284 29.57 12.88 4.18
CA THR A 284 30.57 12.15 3.39
C THR A 284 29.92 10.87 2.86
N SER A 285 29.93 10.64 1.55
CA SER A 285 29.31 9.45 0.90
C SER A 285 30.37 8.42 0.46
N GLY A 286 30.01 7.13 0.44
CA GLY A 286 30.83 6.06 -0.16
C GLY A 286 30.11 4.73 -0.42
N ASP A 287 30.59 3.98 -1.43
CA ASP A 287 30.17 2.59 -1.75
C ASP A 287 29.82 1.77 -0.51
N ILE A 288 28.71 1.07 -0.55
CA ILE A 288 28.18 0.25 0.58
C ILE A 288 29.23 -0.80 0.94
N ASP A 289 29.39 -1.09 2.24
CA ASP A 289 30.35 -2.05 2.82
C ASP A 289 31.82 -1.65 2.56
N THR A 290 32.10 -0.36 2.32
CA THR A 290 33.47 0.21 2.23
C THR A 290 33.61 1.23 3.36
N PRO A 291 34.76 1.28 4.08
CA PRO A 291 34.89 2.07 5.31
C PRO A 291 34.48 3.56 5.29
N TYR A 292 34.16 4.12 6.45
CA TYR A 292 33.87 5.58 6.62
C TYR A 292 34.61 6.01 7.87
N VAL A 293 35.08 7.24 7.89
CA VAL A 293 35.77 7.83 9.07
C VAL A 293 35.23 9.24 9.30
N THR A 294 35.24 9.63 10.57
CA THR A 294 34.74 10.98 10.93
C THR A 294 35.76 11.64 11.85
N SER A 295 35.87 12.96 11.81
CA SER A 295 36.94 13.63 12.58
C SER A 295 36.40 14.36 13.80
N GLN A 296 36.97 14.11 14.97
CA GLN A 296 36.58 14.88 16.16
C GLN A 296 37.08 16.30 15.96
N LYS A 297 36.23 17.18 15.42
CA LYS A 297 36.60 18.60 15.24
C LYS A 297 37.01 19.14 16.61
N THR A 298 38.01 20.06 16.62
CA THR A 298 38.47 20.86 17.80
C THR A 298 37.88 22.27 17.73
N ILE A 299 36.95 22.57 18.61
CA ILE A 299 36.10 23.78 18.44
C ILE A 299 36.54 24.80 19.48
N PRO A 300 37.06 25.97 19.09
CA PRO A 300 37.26 27.08 20.02
C PRO A 300 36.02 27.35 20.90
N GLY A 301 36.20 27.36 22.21
CA GLY A 301 35.17 27.76 23.19
C GLY A 301 34.46 26.56 23.81
N TYR A 302 34.79 25.36 23.29
CA TYR A 302 34.14 24.08 23.60
C TYR A 302 35.17 22.94 23.77
N THR A 303 34.82 21.90 24.53
CA THR A 303 35.59 20.64 24.61
C THR A 303 34.67 19.46 24.37
N PHE A 304 35.15 18.49 23.60
CA PHE A 304 34.42 17.23 23.27
C PHE A 304 33.91 16.51 24.52
N LYS A 305 32.62 16.10 24.56
CA LYS A 305 31.97 15.34 25.68
C LYS A 305 31.76 13.88 25.29
N ALA A 306 30.99 13.60 24.25
CA ALA A 306 30.70 12.23 23.76
C ALA A 306 30.07 12.28 22.38
N SER A 307 30.10 11.13 21.71
CA SER A 307 29.57 10.93 20.34
C SER A 307 28.39 9.97 20.47
N ASN A 308 27.20 10.55 20.64
CA ASN A 308 25.89 9.87 20.52
C ASN A 308 25.65 9.55 19.03
N GLY A 309 25.01 8.42 18.72
CA GLY A 309 24.55 8.04 17.36
C GLY A 309 25.35 6.85 16.82
N ALA A 310 25.98 6.98 15.67
CA ALA A 310 26.72 5.86 15.05
C ALA A 310 28.11 5.77 15.69
N ALA A 311 28.87 4.81 15.21
CA ALA A 311 30.34 4.85 15.36
C ALA A 311 30.87 6.12 14.67
N THR A 312 31.99 6.69 15.18
CA THR A 312 32.83 7.74 14.55
C THR A 312 33.62 7.09 13.41
N SER A 313 33.93 5.77 13.51
CA SER A 313 34.47 4.91 12.44
C SER A 313 33.55 3.69 12.14
N GLY A 314 33.35 3.40 10.85
CA GLY A 314 32.75 2.13 10.39
C GLY A 314 32.72 1.94 8.87
N ASN A 315 31.70 1.17 8.41
CA ASN A 315 31.40 0.80 7.00
C ASN A 315 30.11 1.50 6.56
N TYR A 316 30.08 1.91 5.29
CA TYR A 316 28.94 2.62 4.64
C TYR A 316 27.79 1.61 4.56
N ALA A 317 26.57 2.09 4.72
CA ALA A 317 25.40 1.21 4.61
C ALA A 317 24.28 1.91 3.84
N ALA A 318 23.39 1.09 3.29
CA ALA A 318 22.29 1.47 2.39
C ALA A 318 21.59 2.73 2.89
N ASN A 319 21.19 2.72 4.16
CA ASN A 319 20.54 3.90 4.78
C ASN A 319 21.60 4.90 5.23
N ASP A 320 21.12 6.12 5.44
CA ASP A 320 21.88 7.25 6.01
C ASP A 320 22.24 6.91 7.46
N GLN A 321 23.54 6.88 7.84
CA GLN A 321 24.00 6.83 9.27
C GLN A 321 24.48 8.24 9.69
N THR A 322 24.28 8.61 10.93
CA THR A 322 24.45 9.99 11.49
C THR A 322 25.17 9.83 12.84
N VAL A 323 26.38 10.42 13.02
CA VAL A 323 27.10 10.48 14.33
C VAL A 323 27.09 11.93 14.80
N ASN A 324 26.66 12.14 16.02
CA ASN A 324 26.55 13.50 16.60
C ASN A 324 27.74 13.63 17.56
N TYR A 325 28.57 14.67 17.41
CA TYR A 325 29.66 15.02 18.35
C TYR A 325 29.14 16.13 19.28
N VAL A 326 29.06 15.79 20.56
CA VAL A 326 28.56 16.71 21.63
C VAL A 326 29.74 17.33 22.36
N TYR A 327 29.67 18.63 22.57
CA TYR A 327 30.79 19.42 23.11
C TYR A 327 30.27 20.16 24.33
N THR A 328 31.10 20.43 25.31
CA THR A 328 30.65 21.18 26.53
C THR A 328 31.13 22.60 26.38
N ARG A 329 30.40 23.57 26.95
CA ARG A 329 30.81 24.99 26.84
C ARG A 329 31.93 25.23 27.84
N ASN A 330 33.15 25.54 27.37
CA ASN A 330 34.36 25.77 28.22
C ASN A 330 34.08 26.85 29.26
N GLN A 331 34.25 26.54 30.55
CA GLN A 331 33.79 27.41 31.66
C GLN A 331 35.02 28.00 32.36
N GLY A 332 35.00 29.32 32.61
CA GLY A 332 36.14 30.05 33.19
C GLY A 332 35.97 30.21 34.67
N SER A 333 37.08 30.43 35.42
CA SER A 333 37.12 30.74 36.89
C SER A 333 37.60 32.18 37.05
N ILE A 334 37.06 32.89 38.06
CA ILE A 334 37.57 34.17 38.65
C ILE A 334 37.30 34.10 40.16
N ASP A 335 38.30 34.25 41.03
CA ASP A 335 38.13 34.27 42.50
C ASP A 335 38.82 35.54 43.01
N VAL A 336 38.07 36.45 43.67
CA VAL A 336 38.54 37.77 44.23
C VAL A 336 38.57 37.63 45.75
N THR A 337 39.75 37.42 46.33
CA THR A 337 39.95 37.21 47.79
C THR A 337 40.16 38.59 48.46
N TYR A 338 39.51 38.76 49.60
CA TYR A 338 39.62 39.98 50.43
C TYR A 338 40.45 39.57 51.64
N ILE A 339 41.52 40.30 51.98
CA ILE A 339 42.35 39.93 53.16
C ILE A 339 42.44 41.08 54.17
N ASP A 340 42.41 40.72 55.46
CA ASP A 340 42.65 41.64 56.59
C ASP A 340 44.15 41.54 56.89
N GLN A 341 44.94 42.46 56.32
CA GLN A 341 46.41 42.48 56.49
C GLN A 341 46.66 42.30 57.99
N THR A 342 46.00 43.13 58.80
CA THR A 342 46.19 43.25 60.26
C THR A 342 46.27 41.86 60.84
N THR A 343 45.48 40.90 60.33
CA THR A 343 45.36 39.50 60.86
C THR A 343 46.04 38.49 59.92
N GLY A 344 46.27 38.83 58.65
CA GLY A 344 46.64 37.86 57.60
C GLY A 344 45.57 36.78 57.51
N GLN A 345 44.31 37.15 57.60
CA GLN A 345 43.14 36.23 57.57
C GLN A 345 42.23 36.63 56.38
N THR A 346 41.78 35.65 55.60
CA THR A 346 40.74 35.84 54.55
C THR A 346 39.46 36.41 55.19
N LEU A 347 39.04 37.60 54.80
CA LEU A 347 37.73 38.16 55.18
C LEU A 347 36.59 37.45 54.42
N SER A 348 36.54 37.58 53.08
CA SER A 348 35.53 37.00 52.15
C SER A 348 36.23 36.60 50.84
N LYS A 349 35.69 35.64 50.10
CA LYS A 349 36.25 35.18 48.80
C LYS A 349 35.07 34.98 47.86
N LYS A 350 34.92 35.77 46.77
CA LYS A 350 33.81 35.65 45.76
C LYS A 350 34.29 34.78 44.62
N ASP A 351 33.93 33.47 44.57
CA ASP A 351 34.18 32.58 43.40
C ASP A 351 33.16 32.97 42.34
N LEU A 352 33.62 33.16 41.10
CA LEU A 352 32.80 33.47 39.92
C LEU A 352 33.14 32.36 38.91
N SER A 353 32.13 31.85 38.20
CA SER A 353 32.29 30.92 37.07
C SER A 353 31.30 31.32 35.96
N GLY A 354 31.73 31.24 34.70
CA GLY A 354 30.85 31.44 33.52
C GLY A 354 31.47 30.84 32.26
N GLY A 355 31.02 31.31 31.10
CA GLY A 355 31.46 30.80 29.79
C GLY A 355 32.61 31.59 29.19
N THR A 356 33.58 30.89 28.64
CA THR A 356 34.82 31.49 28.11
C THR A 356 34.41 32.69 27.25
N GLY A 357 34.40 33.89 27.78
CA GLY A 357 34.18 35.13 27.02
C GLY A 357 32.96 35.89 27.55
N ASP A 358 32.18 35.28 28.43
CA ASP A 358 31.12 36.03 29.16
C ASP A 358 31.77 37.04 30.09
N SER A 359 31.17 38.21 30.29
CA SER A 359 31.55 39.18 31.35
C SER A 359 31.08 38.62 32.67
N SER A 360 31.60 39.12 33.80
CA SER A 360 31.27 38.63 35.17
C SER A 360 30.26 39.60 35.74
N ASN A 361 30.33 40.84 35.28
CA ASN A 361 29.43 41.93 35.73
C ASN A 361 29.63 42.20 37.22
N TYR A 362 30.83 41.95 37.78
CA TYR A 362 31.17 42.06 39.24
C TYR A 362 32.07 43.27 39.49
N THR A 363 31.91 43.92 40.63
CA THR A 363 32.67 45.12 41.07
C THR A 363 32.94 44.96 42.57
N THR A 364 34.11 45.39 43.00
CA THR A 364 34.58 45.15 44.39
C THR A 364 33.88 46.19 45.26
N THR A 365 33.96 47.42 44.77
CA THR A 365 33.40 48.65 45.35
C THR A 365 32.37 48.36 46.47
N ASP A 366 31.34 47.54 46.19
CA ASP A 366 30.24 47.24 47.16
C ASP A 366 30.84 46.46 48.34
N THR A 367 31.46 45.28 48.09
CA THR A 367 32.08 44.45 49.17
C THR A 367 33.14 45.25 49.94
N ILE A 368 33.93 46.10 49.27
CA ILE A 368 34.88 47.08 49.91
C ILE A 368 34.10 48.00 50.86
N LYS A 369 33.28 48.91 50.34
CA LYS A 369 32.30 49.68 51.16
C LYS A 369 31.95 48.95 52.46
N SER A 370 31.35 47.75 52.38
CA SER A 370 30.85 46.93 53.53
C SER A 370 31.95 46.77 54.60
N TYR A 371 33.18 46.49 54.19
CA TYR A 371 34.33 46.41 55.11
C TYR A 371 34.74 47.83 55.54
N THR A 372 34.79 48.82 54.64
CA THR A 372 35.33 50.17 54.98
C THR A 372 34.47 50.78 56.06
N ASP A 373 33.12 50.67 55.91
CA ASP A 373 32.07 51.15 56.85
C ASP A 373 32.27 50.48 58.22
N ALA A 374 32.78 49.23 58.28
CA ALA A 374 33.05 48.44 59.51
C ALA A 374 34.38 48.85 60.16
N GLY A 375 35.07 49.87 59.60
CA GLY A 375 36.32 50.48 60.14
C GLY A 375 37.59 49.96 59.46
N TYR A 376 37.46 49.30 58.32
CA TYR A 376 38.59 48.84 57.51
C TYR A 376 38.97 49.98 56.56
N GLU A 377 40.13 49.83 55.92
CA GLU A 377 40.77 50.84 55.04
C GLU A 377 41.33 50.10 53.82
N LEU A 378 40.96 50.53 52.63
CA LEU A 378 41.51 49.87 51.44
C LEU A 378 43.02 50.09 51.43
N VAL A 379 43.79 49.07 51.04
CA VAL A 379 45.24 49.16 50.72
C VAL A 379 45.41 49.01 49.21
N SER A 380 44.92 47.91 48.61
CA SER A 380 45.22 47.56 47.22
C SER A 380 44.00 46.84 46.64
N ASP A 381 43.82 46.85 45.30
CA ASP A 381 42.68 46.20 44.56
C ASP A 381 43.12 45.66 43.19
N ASN A 382 43.60 44.40 43.10
CA ASN A 382 44.02 43.78 41.81
C ASN A 382 42.86 43.60 40.84
N TYR A 383 41.62 43.84 41.27
CA TYR A 383 40.43 43.58 40.43
C TYR A 383 40.38 44.65 39.34
N PRO A 384 40.44 44.23 38.05
CA PRO A 384 40.32 45.17 36.95
C PRO A 384 39.11 46.11 37.08
N SER A 385 39.25 47.38 36.67
CA SER A 385 38.14 48.38 36.69
C SER A 385 37.10 48.03 35.62
N GLY A 386 37.50 47.45 34.47
CA GLY A 386 36.58 47.14 33.35
C GLY A 386 35.85 45.83 33.49
N GLY A 387 35.09 45.62 34.58
CA GLY A 387 34.61 44.30 35.06
C GLY A 387 35.71 43.26 34.86
N THR A 388 35.42 42.18 34.14
CA THR A 388 36.38 41.13 33.73
C THR A 388 35.73 40.32 32.64
N VAL A 389 36.36 39.23 32.26
CA VAL A 389 35.79 38.32 31.24
C VAL A 389 36.39 36.99 31.61
N PHE A 390 35.62 35.90 31.59
CA PHE A 390 36.11 34.54 31.92
C PHE A 390 37.01 34.03 30.77
N THR A 391 38.17 33.42 31.09
CA THR A 391 39.12 32.85 30.09
C THR A 391 39.42 31.42 30.47
N ASP A 392 39.99 30.66 29.54
CA ASP A 392 40.29 29.20 29.69
C ASP A 392 41.25 29.03 30.86
N THR A 393 42.05 30.05 31.15
CA THR A 393 42.87 30.03 32.38
C THR A 393 42.04 30.70 33.49
N ALA A 394 42.33 30.29 34.72
CA ALA A 394 41.77 30.87 35.97
C ALA A 394 42.33 32.28 36.20
N GLN A 395 41.52 33.14 36.79
CA GLN A 395 41.93 34.50 37.30
C GLN A 395 41.82 34.44 38.82
N HIS A 396 42.73 35.12 39.53
CA HIS A 396 42.74 35.23 41.01
C HIS A 396 43.11 36.68 41.36
N TYR A 397 42.21 37.47 41.92
CA TYR A 397 42.50 38.90 42.21
C TYR A 397 42.47 39.08 43.72
N VAL A 398 42.97 40.23 44.23
CA VAL A 398 43.08 40.40 45.71
C VAL A 398 42.79 41.83 46.11
N VAL A 399 42.03 41.95 47.18
CA VAL A 399 41.60 43.27 47.73
C VAL A 399 42.20 43.34 49.13
N ASN A 400 43.18 44.21 49.34
CA ASN A 400 43.93 44.17 50.61
C ASN A 400 43.34 45.25 51.49
N LEU A 401 42.94 44.86 52.69
CA LEU A 401 42.27 45.75 53.67
C LEU A 401 42.98 45.58 55.02
N LYS A 402 43.03 46.67 55.77
CA LYS A 402 43.67 46.67 57.10
C LYS A 402 42.77 47.44 58.03
N GLN A 403 42.75 47.00 59.28
CA GLN A 403 41.95 47.59 60.37
C GLN A 403 42.56 48.95 60.62
N LYS A 404 41.79 50.01 60.34
CA LYS A 404 42.23 51.43 60.42
C LYS A 404 42.70 51.74 61.85
N LEU A 405 43.55 52.73 62.02
CA LEU A 405 44.02 53.09 63.38
C LEU A 405 44.00 54.61 63.46
N VAL A 406 43.24 55.20 64.37
CA VAL A 406 43.10 56.68 64.52
C VAL A 406 43.97 57.12 65.69
N VAL A 407 44.98 57.95 65.40
CA VAL A 407 45.91 58.41 66.45
C VAL A 407 45.29 59.67 67.06
N SER A 408 44.98 59.65 68.35
CA SER A 408 44.55 60.84 69.14
C SER A 408 45.75 61.30 69.98
N SER A 409 45.44 62.14 70.97
CA SER A 409 46.34 62.60 72.04
C SER A 409 45.57 62.65 73.37
N GLU A 410 46.08 62.04 74.46
CA GLU A 410 45.57 62.32 75.83
C GLU A 410 46.49 63.37 76.53
N GLN A 411 45.93 64.35 77.26
CA GLN A 411 46.69 65.32 78.12
C GLN A 411 46.16 65.26 79.55
N LYS A 412 47.05 65.25 80.53
CA LYS A 412 46.65 65.36 81.95
C LYS A 412 47.53 66.40 82.62
N GLN A 413 46.98 67.13 83.59
CA GLN A 413 47.70 68.21 84.28
C GLN A 413 47.67 67.97 85.81
N VAL A 414 48.84 67.96 86.44
CA VAL A 414 48.97 68.01 87.92
C VAL A 414 49.38 69.42 88.34
N ASN A 415 48.53 70.13 89.11
CA ASN A 415 48.83 71.49 89.64
C ASN A 415 49.13 71.44 91.14
N GLU A 416 49.73 72.49 91.69
CA GLU A 416 49.88 72.67 93.15
C GLU A 416 49.22 73.98 93.48
N THR A 417 48.39 74.04 94.49
CA THR A 417 47.83 75.33 94.96
C THR A 417 48.20 75.51 96.41
N ILE A 418 48.72 76.66 96.82
CA ILE A 418 48.88 77.01 98.27
C ILE A 418 47.98 78.21 98.54
N GLN A 419 46.96 78.06 99.40
CA GLN A 419 46.06 79.18 99.80
C GLN A 419 46.68 79.89 101.00
N TYR A 420 46.93 81.19 100.92
CA TYR A 420 47.42 81.99 102.07
C TYR A 420 46.19 82.70 102.66
N VAL A 421 45.79 82.29 103.86
CA VAL A 421 44.56 82.74 104.56
C VAL A 421 44.84 83.12 106.02
N TYR A 422 43.89 83.80 106.64
CA TYR A 422 43.99 84.27 108.04
C TYR A 422 43.18 83.28 108.88
N GLU A 423 43.04 83.54 110.19
CA GLU A 423 42.33 82.58 111.08
C GLU A 423 40.83 82.66 110.88
N ASP A 424 40.31 83.67 110.20
CA ASP A 424 38.86 83.80 109.93
C ASP A 424 38.60 83.35 108.49
N GLY A 425 39.63 82.87 107.77
CA GLY A 425 39.48 82.41 106.37
C GLY A 425 39.66 83.52 105.35
N SER A 426 39.56 84.80 105.74
CA SER A 426 39.85 85.92 104.83
C SER A 426 41.24 85.70 104.17
N LYS A 427 41.39 86.12 102.91
CA LYS A 427 42.64 85.89 102.13
C LYS A 427 43.70 86.79 102.75
N ALA A 428 44.86 86.22 103.10
CA ALA A 428 46.05 86.93 103.60
C ALA A 428 46.87 87.33 102.40
N ALA A 429 46.94 86.45 101.41
CA ALA A 429 47.76 86.67 100.20
C ALA A 429 47.15 85.87 99.02
N ASP A 430 47.33 86.36 97.79
CA ASP A 430 46.89 85.67 96.55
C ASP A 430 47.37 84.22 96.62
N ASP A 431 46.45 83.30 96.22
CA ASP A 431 46.74 81.84 96.04
C ASP A 431 47.94 81.69 95.12
N TYR A 432 48.89 80.83 95.47
CA TYR A 432 49.97 80.45 94.53
C TYR A 432 49.51 79.23 93.74
N ASN A 433 49.44 79.39 92.42
CA ASN A 433 49.35 78.27 91.46
C ASN A 433 50.81 78.04 90.98
N ALA A 434 51.42 76.92 91.33
CA ALA A 434 52.77 76.58 90.86
C ALA A 434 52.67 76.23 89.38
N PRO A 435 53.78 76.56 88.65
CA PRO A 435 54.01 76.12 87.28
C PRO A 435 53.44 74.74 87.00
N PRO A 436 52.32 74.60 86.27
CA PRO A 436 51.68 73.30 86.02
C PRO A 436 52.65 72.26 85.47
N LEU A 437 52.42 71.03 85.90
CA LEU A 437 53.14 69.83 85.41
C LEU A 437 52.21 69.07 84.47
N ASN A 438 52.36 69.33 83.15
CA ASN A 438 51.59 68.67 82.05
C ASN A 438 52.29 67.42 81.53
N PHE A 439 51.47 66.54 80.94
CA PHE A 439 51.77 65.14 80.56
C PHE A 439 50.91 64.80 79.35
N THR A 440 51.51 64.12 78.39
CA THR A 440 50.91 63.81 77.07
C THR A 440 51.13 62.31 76.77
N ARG A 441 50.17 61.70 76.09
CA ARG A 441 50.20 60.28 75.73
C ARG A 441 49.45 60.17 74.41
N SER A 442 50.00 59.42 73.46
CA SER A 442 49.30 58.96 72.22
C SER A 442 48.22 57.91 72.51
N VAL A 443 47.07 58.03 71.86
CA VAL A 443 46.01 56.97 71.93
C VAL A 443 45.66 56.48 70.51
N THR A 444 46.07 55.25 70.14
CA THR A 444 45.73 54.66 68.82
C THR A 444 44.46 53.82 68.97
N THR A 445 43.32 54.21 68.36
CA THR A 445 42.05 53.42 68.44
C THR A 445 41.81 52.65 67.13
N ASN A 446 41.89 51.32 67.21
CA ASN A 446 41.59 50.38 66.10
C ASN A 446 40.10 50.49 65.71
N GLN A 447 39.77 51.00 64.53
CA GLN A 447 38.38 51.38 64.16
C GLN A 447 37.56 50.13 63.90
N VAL A 448 38.16 48.93 64.01
CA VAL A 448 37.46 47.63 63.78
C VAL A 448 37.26 46.92 65.13
N THR A 449 38.31 46.69 65.92
CA THR A 449 38.22 45.95 67.20
C THR A 449 37.74 46.89 68.33
N GLY A 450 38.00 48.21 68.28
CA GLY A 450 37.82 49.15 69.41
C GLY A 450 39.07 49.24 70.28
N GLU A 451 40.01 48.29 70.12
CA GLU A 451 41.20 48.10 70.99
C GLU A 451 42.05 49.38 70.98
N LYS A 452 42.11 50.08 72.11
CA LYS A 452 42.81 51.37 72.28
C LYS A 452 44.23 51.03 72.76
N THR A 453 45.21 51.06 71.88
CA THR A 453 46.67 50.88 72.20
C THR A 453 47.29 52.23 72.68
N TYR A 454 47.34 52.46 73.99
CA TYR A 454 47.91 53.71 74.58
C TYR A 454 49.42 53.68 74.31
N GLY A 455 50.05 54.85 74.23
CA GLY A 455 51.49 55.00 73.92
C GLY A 455 52.28 54.92 75.19
N ASP A 456 52.52 56.03 75.83
CA ASP A 456 53.08 56.06 77.20
C ASP A 456 52.77 57.46 77.69
N TRP A 457 52.75 57.71 79.00
CA TRP A 457 52.75 59.11 79.54
C TRP A 457 54.17 59.72 79.46
N GLN A 458 54.30 60.89 78.82
CA GLN A 458 55.56 61.69 78.70
C GLN A 458 55.33 63.08 79.34
N ALA A 459 56.21 63.44 80.27
CA ALA A 459 56.22 64.70 81.05
C ALA A 459 56.70 65.84 80.16
N GLN A 460 55.88 66.87 79.97
CA GLN A 460 56.26 68.02 79.08
C GLN A 460 57.07 69.01 79.92
N ASN A 461 56.80 69.04 81.23
CA ASN A 461 57.15 70.18 82.10
C ASN A 461 58.18 69.77 83.15
N GLY A 462 58.12 68.51 83.63
CA GLY A 462 59.08 67.96 84.60
C GLY A 462 58.37 66.98 85.50
N ASP A 463 59.00 66.56 86.61
CA ASP A 463 58.46 65.52 87.54
C ASP A 463 58.34 66.10 88.95
N SER A 464 58.74 67.36 89.16
CA SER A 464 59.02 67.95 90.49
C SER A 464 58.45 69.38 90.59
N PHE A 465 57.65 69.67 91.65
CA PHE A 465 57.09 70.99 92.08
C PHE A 465 58.10 71.78 92.94
N GLY A 466 58.14 73.12 92.77
CA GLY A 466 59.10 73.99 93.47
C GLY A 466 58.81 74.20 94.96
N GLU A 467 59.84 74.56 95.71
CA GLU A 467 59.71 75.09 97.08
C GLU A 467 59.09 76.48 96.93
N VAL A 468 58.12 76.85 97.79
CA VAL A 468 57.40 78.18 97.85
C VAL A 468 57.53 78.78 99.26
N VAL A 469 58.40 79.77 99.42
CA VAL A 469 58.57 80.45 100.74
C VAL A 469 57.37 81.34 101.02
N SER A 470 56.64 81.02 102.07
CA SER A 470 55.37 81.67 102.45
C SER A 470 55.64 83.16 102.58
N PRO A 471 54.88 84.04 101.90
CA PRO A 471 55.04 85.49 102.01
C PRO A 471 55.17 85.96 103.46
N THR A 472 55.82 87.11 103.66
CA THR A 472 55.95 87.77 104.97
C THR A 472 54.88 88.86 105.05
N ILE A 473 54.03 88.78 106.08
CA ILE A 473 53.05 89.85 106.39
C ILE A 473 53.43 90.43 107.74
N LYS A 474 53.51 91.76 107.79
CA LYS A 474 53.94 92.55 108.98
C LYS A 474 52.91 92.34 110.09
N GLY A 475 53.40 92.19 111.34
CA GLY A 475 52.60 91.83 112.53
C GLY A 475 51.86 90.50 112.47
N GLU A 476 52.28 89.53 111.63
CA GLU A 476 51.63 88.18 111.51
C GLU A 476 52.73 87.11 111.37
N THR A 477 52.40 85.87 111.71
CA THR A 477 53.29 84.66 111.69
C THR A 477 52.56 83.46 111.03
N ALA A 478 53.16 82.89 109.99
CA ALA A 478 52.61 81.77 109.19
C ALA A 478 52.70 80.43 109.92
N ASP A 479 51.75 79.49 109.80
CA ASP A 479 51.89 78.19 110.53
C ASP A 479 53.02 77.37 109.88
N GLN A 480 53.31 77.64 108.61
CA GLN A 480 54.39 77.01 107.80
C GLN A 480 55.07 78.16 107.06
N LEU A 481 56.36 78.41 107.31
CA LEU A 481 57.05 79.55 106.66
C LEU A 481 57.50 79.24 105.23
N LYS A 482 57.44 77.95 104.83
CA LYS A 482 57.77 77.43 103.45
C LYS A 482 56.99 76.13 103.24
N ILE A 483 56.66 75.89 101.99
CA ILE A 483 56.06 74.60 101.57
C ILE A 483 57.18 73.89 100.81
N ASP A 484 57.55 72.69 101.24
CA ASP A 484 58.72 71.99 100.66
C ASP A 484 58.37 71.56 99.23
N ALA A 485 59.33 71.68 98.30
CA ALA A 485 59.30 71.12 96.92
C ALA A 485 58.96 69.62 97.01
N ILE A 486 58.18 69.09 96.05
CA ILE A 486 57.66 67.68 96.03
C ILE A 486 58.14 67.07 94.71
N SER A 487 59.01 66.03 94.73
CA SER A 487 59.49 65.25 93.56
C SER A 487 58.70 63.94 93.41
N GLY A 488 58.74 63.36 92.21
CA GLY A 488 58.10 62.07 91.89
C GLY A 488 56.69 62.26 91.39
N ILE A 489 56.44 63.28 90.55
CA ILE A 489 55.06 63.57 90.06
C ILE A 489 54.88 62.71 88.83
N THR A 490 53.87 61.85 88.91
CA THR A 490 53.41 60.94 87.84
C THR A 490 52.06 61.43 87.31
N ALA A 491 51.80 61.23 86.01
CA ALA A 491 50.58 61.67 85.34
C ALA A 491 49.33 61.21 86.13
N ASN A 492 49.43 60.24 87.04
CA ASN A 492 48.24 59.75 87.81
C ASN A 492 48.16 60.51 89.13
N SER A 493 49.24 61.25 89.47
CA SER A 493 49.40 62.06 90.71
C SER A 493 48.14 62.91 90.97
N ALA A 494 47.87 63.18 92.24
CA ALA A 494 46.70 63.99 92.62
C ALA A 494 47.18 65.42 92.69
N ASP A 495 46.30 66.34 92.32
CA ASP A 495 46.57 67.79 92.40
C ASP A 495 46.85 68.08 93.90
N ILE A 496 48.04 68.57 94.22
CA ILE A 496 48.44 69.09 95.56
C ILE A 496 47.60 70.33 95.96
N GLN A 497 46.99 70.29 97.16
CA GLN A 497 46.23 71.41 97.77
C GLN A 497 46.79 71.62 99.17
N LYS A 498 47.30 72.81 99.50
CA LYS A 498 47.85 73.21 100.82
C LYS A 498 47.22 74.55 101.23
N LYS A 499 47.39 74.90 102.51
CA LYS A 499 46.76 76.10 103.17
C LYS A 499 47.65 76.61 104.30
N VAL A 500 48.18 77.79 104.14
CA VAL A 500 49.00 78.50 105.16
C VAL A 500 48.08 79.47 105.91
N VAL A 501 48.03 79.34 107.23
CA VAL A 501 47.24 80.22 108.13
C VAL A 501 48.17 81.16 108.89
N TYR A 502 47.92 82.45 108.69
CA TYR A 502 48.61 83.53 109.41
C TYR A 502 47.88 83.81 110.73
N LYS A 503 48.68 83.98 111.77
CA LYS A 503 48.18 84.38 113.11
C LYS A 503 48.67 85.79 113.42
N ARG A 504 47.76 86.63 113.97
CA ARG A 504 48.07 87.99 114.49
C ARG A 504 49.24 87.88 115.50
N ASN A 505 50.30 88.66 115.22
CA ASN A 505 51.55 88.88 116.03
C ASN A 505 52.65 87.96 115.49
N THR B 34 -35.04 -19.58 -55.95
CA THR B 34 -35.10 -18.36 -55.04
C THR B 34 -33.67 -17.90 -54.70
N SER B 35 -32.74 -18.24 -55.62
CA SER B 35 -31.26 -18.12 -55.52
C SER B 35 -30.70 -19.45 -55.03
N ARG B 36 -31.47 -20.17 -54.18
CA ARG B 36 -31.07 -21.39 -53.44
C ARG B 36 -31.65 -22.62 -54.16
N ASP B 37 -32.68 -22.50 -55.03
CA ASP B 37 -33.31 -23.64 -55.76
C ASP B 37 -32.27 -24.30 -56.67
N ILE B 38 -31.87 -25.52 -56.49
CA ILE B 38 -30.71 -25.95 -57.33
C ILE B 38 -31.03 -27.32 -57.84
N THR B 39 -30.07 -27.92 -58.53
CA THR B 39 -30.20 -29.28 -59.04
C THR B 39 -28.82 -29.89 -59.15
N VAL B 40 -28.59 -30.97 -58.45
CA VAL B 40 -27.37 -31.77 -58.58
C VAL B 40 -27.56 -32.73 -59.71
N TYR B 41 -26.59 -32.80 -60.64
CA TYR B 41 -26.58 -33.78 -61.74
C TYR B 41 -25.46 -34.76 -61.51
N PRO B 42 -25.63 -36.01 -61.97
CA PRO B 42 -24.67 -37.08 -61.71
C PRO B 42 -23.22 -36.68 -61.83
N LYS B 43 -22.93 -35.78 -62.72
CA LYS B 43 -21.53 -35.41 -62.92
C LYS B 43 -21.00 -34.88 -61.62
N ASP B 44 -21.80 -33.98 -61.01
CA ASP B 44 -21.40 -33.06 -59.90
C ASP B 44 -21.65 -33.71 -58.52
N PHE B 45 -21.69 -35.04 -58.45
CA PHE B 45 -22.28 -35.76 -57.28
C PHE B 45 -21.52 -35.30 -56.06
N LEU B 46 -20.23 -35.58 -56.08
CA LEU B 46 -19.31 -35.42 -54.95
C LEU B 46 -19.11 -33.97 -54.55
N THR B 47 -19.72 -33.07 -55.30
CA THR B 47 -19.71 -31.63 -55.00
C THR B 47 -20.73 -31.42 -53.91
N TYR B 48 -21.89 -32.03 -54.01
CA TYR B 48 -22.97 -31.76 -53.04
C TYR B 48 -23.11 -32.95 -52.06
N PHE B 49 -22.14 -33.85 -52.09
CA PHE B 49 -22.24 -35.14 -51.36
C PHE B 49 -20.84 -35.42 -50.79
N GLN B 50 -20.80 -35.83 -49.51
CA GLN B 50 -19.52 -36.30 -48.94
C GLN B 50 -19.61 -37.77 -48.59
N ARG B 51 -18.67 -38.54 -49.13
CA ARG B 51 -18.61 -40.00 -48.96
C ARG B 51 -17.96 -40.17 -47.63
N ASN B 52 -18.55 -41.02 -46.78
CA ASN B 52 -18.06 -41.24 -45.40
C ASN B 52 -18.11 -42.73 -45.20
N GLY B 53 -17.33 -43.21 -44.27
CA GLY B 53 -17.32 -44.65 -43.93
C GLY B 53 -16.63 -45.39 -45.04
N SER B 54 -17.20 -46.56 -45.41
CA SER B 54 -16.64 -47.45 -46.46
C SER B 54 -16.75 -46.71 -47.79
N ALA B 55 -17.73 -45.82 -47.86
CA ALA B 55 -17.94 -45.04 -49.08
C ALA B 55 -16.65 -44.30 -49.37
N ALA B 56 -16.00 -43.76 -48.36
CA ALA B 56 -14.84 -42.89 -48.66
C ALA B 56 -13.63 -43.71 -49.16
N GLY B 57 -13.67 -45.06 -49.08
CA GLY B 57 -12.57 -45.92 -49.56
C GLY B 57 -12.65 -46.19 -51.07
N PHE B 58 -13.69 -45.72 -51.75
CA PHE B 58 -13.90 -45.91 -53.21
C PHE B 58 -14.25 -44.58 -53.92
N ASP B 59 -13.53 -44.27 -55.00
CA ASP B 59 -13.69 -43.03 -55.80
C ASP B 59 -15.02 -43.08 -56.51
N TYR B 60 -15.50 -41.99 -57.13
CA TYR B 60 -16.86 -41.97 -57.74
C TYR B 60 -16.75 -42.42 -59.21
N ASP B 61 -17.34 -43.55 -59.60
CA ASP B 61 -17.07 -44.23 -60.90
C ASP B 61 -17.74 -43.38 -61.97
N LEU B 62 -16.97 -42.48 -62.61
CA LEU B 62 -17.59 -41.43 -63.46
C LEU B 62 -18.12 -42.10 -64.72
N ALA B 63 -17.54 -43.24 -65.10
CA ALA B 63 -18.01 -44.10 -66.20
C ALA B 63 -19.51 -44.44 -66.06
N THR B 64 -19.94 -44.93 -64.92
CA THR B 64 -21.35 -45.43 -64.77
C THR B 64 -22.15 -44.40 -63.98
N TYR B 65 -21.45 -43.47 -63.33
CA TYR B 65 -22.01 -42.50 -62.35
C TYR B 65 -22.52 -43.28 -61.14
N THR B 66 -21.57 -43.94 -60.47
CA THR B 66 -21.88 -44.96 -59.44
C THR B 66 -21.01 -44.64 -58.22
N GLN B 67 -21.57 -44.79 -57.00
CA GLN B 67 -20.89 -44.55 -55.70
C GLN B 67 -21.11 -45.84 -54.91
N THR B 68 -20.01 -46.51 -54.57
CA THR B 68 -20.12 -47.71 -53.71
C THR B 68 -20.36 -47.29 -52.26
N LEU B 69 -21.45 -47.71 -51.63
CA LEU B 69 -21.74 -47.32 -50.22
C LEU B 69 -21.02 -48.33 -49.32
N THR B 70 -21.34 -49.61 -49.48
CA THR B 70 -20.64 -50.77 -48.86
C THR B 70 -20.15 -51.70 -49.94
N PRO B 71 -18.89 -52.13 -49.88
CA PRO B 71 -18.37 -53.21 -50.71
C PRO B 71 -18.97 -54.54 -50.25
N ASN B 72 -18.67 -55.68 -50.91
CA ASN B 72 -19.24 -57.00 -50.53
C ASN B 72 -18.35 -57.61 -49.48
N LYS B 73 -18.23 -56.93 -48.35
CA LYS B 73 -17.43 -57.32 -47.15
C LYS B 73 -18.35 -57.25 -45.95
N ALA B 74 -17.92 -57.83 -44.84
CA ALA B 74 -18.76 -57.85 -43.64
C ALA B 74 -18.39 -56.65 -42.80
N SER B 75 -19.31 -56.28 -41.90
CA SER B 75 -19.07 -55.26 -40.84
C SER B 75 -18.62 -53.93 -41.49
N GLN B 76 -19.31 -53.49 -42.56
CA GLN B 76 -19.03 -52.23 -43.28
C GLN B 76 -20.16 -51.24 -43.04
N ALA B 77 -19.77 -49.99 -42.80
CA ALA B 77 -20.80 -48.93 -42.82
C ALA B 77 -20.31 -47.74 -43.65
N GLY B 78 -21.17 -47.27 -44.57
CA GLY B 78 -20.86 -46.15 -45.49
C GLY B 78 -22.08 -45.29 -45.84
N ASN B 79 -21.82 -44.09 -46.29
CA ASN B 79 -22.93 -43.13 -46.41
C ASN B 79 -22.52 -42.05 -47.38
N VAL B 80 -23.50 -41.28 -47.83
CA VAL B 80 -23.23 -39.93 -48.35
C VAL B 80 -24.05 -39.00 -47.50
N THR B 81 -23.41 -37.93 -46.99
CA THR B 81 -24.08 -36.75 -46.39
C THR B 81 -24.12 -35.65 -47.43
N LEU B 82 -25.28 -35.03 -47.59
CA LEU B 82 -25.39 -33.77 -48.35
C LEU B 82 -24.51 -32.71 -47.65
N LYS B 83 -23.76 -31.88 -48.39
CA LYS B 83 -22.91 -30.81 -47.80
C LYS B 83 -23.77 -29.64 -47.29
N THR B 84 -24.98 -29.47 -47.77
CA THR B 84 -25.90 -28.44 -47.29
C THR B 84 -27.08 -29.16 -46.69
N LYS B 85 -28.09 -28.41 -46.26
CA LYS B 85 -29.24 -29.02 -45.61
C LYS B 85 -30.32 -28.63 -46.56
N VAL B 86 -31.54 -29.07 -46.31
CA VAL B 86 -32.67 -28.97 -47.27
C VAL B 86 -33.78 -28.07 -46.71
N ASP B 87 -34.17 -27.05 -47.40
CA ASP B 87 -35.35 -26.25 -46.99
C ASP B 87 -36.58 -27.13 -47.20
N MET B 88 -37.15 -27.60 -46.08
CA MET B 88 -38.34 -28.49 -46.04
C MET B 88 -39.63 -27.66 -46.20
N SER B 89 -39.45 -26.45 -46.72
CA SER B 89 -40.59 -25.55 -46.93
C SER B 89 -40.89 -25.70 -48.40
N GLN B 90 -39.93 -26.22 -49.17
CA GLN B 90 -40.02 -26.32 -50.66
C GLN B 90 -39.87 -27.79 -51.12
N ASN B 91 -40.50 -28.12 -52.25
CA ASN B 91 -40.55 -29.49 -52.87
C ASN B 91 -39.15 -30.01 -53.19
N PHE B 92 -38.95 -31.30 -53.28
CA PHE B 92 -37.62 -31.83 -53.68
C PHE B 92 -37.93 -33.03 -54.54
N THR B 93 -37.00 -33.46 -55.36
CA THR B 93 -37.17 -34.65 -56.22
C THR B 93 -35.84 -35.33 -56.38
N PHE B 94 -35.71 -36.48 -55.74
CA PHE B 94 -34.49 -37.31 -55.77
C PHE B 94 -34.76 -38.50 -56.66
N THR B 95 -33.88 -38.77 -57.60
CA THR B 95 -34.07 -39.91 -58.51
C THR B 95 -32.72 -40.55 -58.63
N GLY B 96 -32.68 -41.86 -58.76
CA GLY B 96 -31.43 -42.56 -59.07
C GLY B 96 -31.74 -44.02 -59.22
N LYS B 97 -30.70 -44.85 -59.20
CA LYS B 97 -30.86 -46.33 -59.21
C LYS B 97 -30.07 -46.87 -58.03
N ILE B 98 -30.46 -48.01 -57.43
CA ILE B 98 -29.78 -48.61 -56.24
C ILE B 98 -29.54 -50.11 -56.43
N ASN B 99 -28.28 -50.52 -56.32
CA ASN B 99 -27.88 -51.94 -56.31
C ASN B 99 -27.99 -52.37 -54.87
N LEU B 100 -28.89 -53.29 -54.53
CA LEU B 100 -29.06 -53.83 -53.14
C LEU B 100 -28.11 -55.01 -52.90
N GLY B 101 -27.34 -55.39 -53.91
CA GLY B 101 -26.38 -56.52 -53.88
C GLY B 101 -26.79 -57.73 -54.72
N ASP B 102 -26.23 -58.91 -54.43
CA ASP B 102 -26.43 -60.16 -55.22
C ASP B 102 -27.07 -61.26 -54.39
N LYS B 103 -26.80 -61.26 -53.08
CA LYS B 103 -27.28 -62.31 -52.16
C LYS B 103 -28.60 -61.83 -51.59
N ALA B 104 -29.30 -62.73 -50.93
CA ALA B 104 -30.57 -62.50 -50.21
C ALA B 104 -30.35 -62.89 -48.76
N GLN B 105 -31.27 -62.51 -47.89
CA GLN B 105 -31.24 -62.93 -46.47
C GLN B 105 -30.83 -64.39 -46.42
N ASN B 106 -31.41 -65.23 -47.29
CA ASN B 106 -31.35 -66.70 -47.12
C ASN B 106 -30.15 -67.18 -47.88
N ALA B 107 -29.07 -66.43 -47.84
CA ALA B 107 -27.92 -66.70 -48.72
C ALA B 107 -26.74 -65.86 -48.31
N GLY B 108 -26.86 -65.13 -47.19
CA GLY B 108 -25.79 -64.31 -46.60
C GLY B 108 -25.87 -62.89 -47.08
N GLY B 109 -27.08 -62.35 -47.34
CA GLY B 109 -27.36 -61.00 -47.91
C GLY B 109 -27.92 -60.00 -46.90
N ALA B 110 -27.22 -58.89 -46.67
CA ALA B 110 -27.68 -57.81 -45.75
C ALA B 110 -26.86 -56.57 -46.06
N ASP B 111 -27.15 -55.36 -45.52
CA ASP B 111 -28.19 -55.05 -44.53
C ASP B 111 -29.25 -54.17 -45.22
N GLY B 112 -28.82 -53.32 -46.15
CA GLY B 112 -29.79 -52.60 -46.98
C GLY B 112 -29.32 -51.21 -47.22
N VAL B 113 -30.25 -50.32 -47.53
CA VAL B 113 -29.92 -48.89 -47.79
C VAL B 113 -31.01 -48.07 -47.07
N GLY B 114 -30.64 -46.90 -46.56
CA GLY B 114 -31.62 -46.09 -45.80
C GLY B 114 -31.38 -44.62 -46.00
N PHE B 115 -32.50 -43.91 -46.01
CA PHE B 115 -32.51 -42.48 -46.37
C PHE B 115 -32.90 -41.73 -45.12
N LEU B 116 -32.01 -40.90 -44.56
CA LEU B 116 -32.24 -40.13 -43.30
C LEU B 116 -32.43 -38.66 -43.56
N PHE B 117 -33.51 -38.11 -43.01
CA PHE B 117 -33.71 -36.64 -42.83
C PHE B 117 -33.66 -36.39 -41.33
N HIS B 118 -32.87 -35.47 -40.81
CA HIS B 118 -32.92 -35.10 -39.37
C HIS B 118 -32.61 -33.65 -39.23
N PRO B 119 -32.95 -33.00 -38.09
CA PRO B 119 -32.78 -31.55 -37.90
C PRO B 119 -31.42 -31.03 -37.46
N GLY B 120 -30.41 -31.86 -37.52
CA GLY B 120 -29.14 -31.65 -36.83
C GLY B 120 -27.98 -31.42 -37.78
N ASP B 121 -26.76 -31.79 -37.35
CA ASP B 121 -25.50 -31.52 -38.10
C ASP B 121 -25.47 -32.42 -39.33
N THR B 122 -24.94 -31.89 -40.43
CA THR B 122 -24.77 -32.57 -41.69
C THR B 122 -23.93 -33.81 -41.51
N ASN B 123 -22.96 -33.78 -40.56
CA ASN B 123 -22.01 -34.90 -40.33
C ASN B 123 -22.65 -35.94 -39.43
N VAL B 124 -23.92 -35.82 -39.08
CA VAL B 124 -24.54 -36.81 -38.18
C VAL B 124 -25.32 -37.79 -39.01
N VAL B 125 -24.86 -39.02 -38.96
CA VAL B 125 -25.53 -40.15 -39.65
C VAL B 125 -26.14 -41.08 -38.60
N GLY B 126 -26.80 -42.11 -39.06
CA GLY B 126 -27.51 -43.02 -38.14
C GLY B 126 -26.66 -44.23 -37.91
N ALA B 127 -27.16 -45.15 -37.10
CA ALA B 127 -26.46 -46.38 -36.73
C ALA B 127 -26.64 -47.43 -37.80
N PRO B 128 -25.76 -48.42 -37.83
CA PRO B 128 -25.86 -49.52 -38.77
C PRO B 128 -26.97 -50.51 -38.53
N GLY B 129 -27.00 -51.63 -39.30
CA GLY B 129 -27.82 -52.82 -38.99
C GLY B 129 -29.25 -52.42 -38.85
N GLY B 130 -29.96 -52.87 -37.85
CA GLY B 130 -31.41 -52.62 -37.71
C GLY B 130 -31.79 -51.15 -37.77
N ALA B 131 -30.87 -50.24 -37.42
CA ALA B 131 -31.14 -48.79 -37.40
C ALA B 131 -31.35 -48.27 -38.81
N ALA B 132 -30.88 -49.05 -39.82
CA ALA B 132 -30.85 -48.72 -41.26
C ALA B 132 -30.40 -47.28 -41.51
N GLY B 133 -29.49 -46.71 -40.72
CA GLY B 133 -28.94 -45.36 -40.87
C GLY B 133 -29.98 -44.32 -40.64
N ILE B 134 -31.17 -44.70 -40.16
CA ILE B 134 -32.13 -43.68 -39.67
C ILE B 134 -32.14 -43.61 -38.15
N GLY B 135 -31.86 -44.74 -37.47
CA GLY B 135 -31.84 -44.88 -36.00
C GLY B 135 -30.58 -44.31 -35.33
N GLY B 136 -30.76 -43.70 -34.17
CA GLY B 136 -29.65 -43.22 -33.36
C GLY B 136 -29.57 -41.73 -33.50
N VAL B 137 -30.63 -41.07 -33.92
CA VAL B 137 -30.52 -39.61 -34.15
C VAL B 137 -31.79 -38.97 -33.61
N ASN B 138 -31.70 -37.79 -32.96
CA ASN B 138 -32.92 -37.08 -32.48
C ASN B 138 -33.60 -36.50 -33.71
N GLY B 139 -34.92 -36.70 -33.82
CA GLY B 139 -35.80 -36.03 -34.78
C GLY B 139 -35.71 -36.60 -36.17
N ALA B 140 -35.20 -37.84 -36.28
CA ALA B 140 -34.85 -38.61 -37.50
C ALA B 140 -36.12 -39.21 -38.13
N PHE B 141 -36.18 -39.29 -39.46
CA PHE B 141 -37.27 -39.91 -40.25
C PHE B 141 -36.67 -40.24 -41.61
N GLY B 142 -37.27 -41.19 -42.30
CA GLY B 142 -36.69 -41.55 -43.59
C GLY B 142 -37.31 -42.76 -44.21
N PHE B 143 -36.62 -43.35 -45.17
CA PHE B 143 -37.17 -44.48 -45.95
C PHE B 143 -36.06 -45.53 -45.92
N LYS B 144 -36.47 -46.81 -45.83
CA LYS B 144 -35.48 -47.89 -45.68
C LYS B 144 -35.76 -48.92 -46.74
N LEU B 145 -34.69 -49.52 -47.25
CA LEU B 145 -34.80 -50.83 -47.98
C LEU B 145 -34.03 -51.88 -47.20
N ASP B 146 -34.76 -52.73 -46.42
CA ASP B 146 -34.24 -53.80 -45.53
C ASP B 146 -34.05 -55.09 -46.33
N THR B 147 -32.78 -55.46 -46.50
CA THR B 147 -32.36 -56.69 -47.18
C THR B 147 -32.00 -57.74 -46.12
N TYR B 148 -32.40 -57.48 -44.87
CA TYR B 148 -32.20 -58.36 -43.67
C TYR B 148 -33.32 -58.07 -42.68
N TYR B 149 -33.64 -59.02 -41.80
CA TYR B 149 -34.80 -58.98 -40.86
C TYR B 149 -34.28 -59.07 -39.45
N ASN B 150 -34.55 -58.01 -38.69
CA ASN B 150 -34.07 -57.83 -37.31
C ASN B 150 -35.34 -57.94 -36.47
N GLY B 151 -35.43 -59.09 -35.76
CA GLY B 151 -36.55 -59.48 -34.89
C GLY B 151 -36.23 -59.27 -33.41
N VAL B 152 -34.94 -59.23 -33.05
CA VAL B 152 -34.37 -58.81 -31.74
C VAL B 152 -34.11 -57.29 -31.73
N GLY B 153 -34.89 -56.53 -30.93
CA GLY B 153 -34.71 -55.07 -30.75
C GLY B 153 -33.37 -54.64 -30.12
N GLU B 154 -32.99 -53.38 -30.32
CA GLU B 154 -31.93 -52.67 -29.57
C GLU B 154 -32.37 -51.22 -29.30
N ASN B 155 -31.56 -50.45 -28.61
CA ASN B 155 -31.95 -49.07 -28.27
C ASN B 155 -32.15 -48.27 -29.55
N SER B 156 -31.36 -48.50 -30.60
CA SER B 156 -31.39 -47.73 -31.87
C SER B 156 -32.64 -48.02 -32.69
N PHE B 157 -33.19 -49.24 -32.63
CA PHE B 157 -34.26 -49.75 -33.55
C PHE B 157 -35.23 -50.75 -32.90
N THR B 158 -36.52 -50.61 -33.21
CA THR B 158 -37.55 -51.59 -32.80
C THR B 158 -37.57 -52.71 -33.80
N PRO B 159 -37.94 -53.93 -33.35
CA PRO B 159 -37.91 -55.10 -34.20
C PRO B 159 -38.71 -54.88 -35.49
N ASP B 160 -38.24 -55.55 -36.54
CA ASP B 160 -38.91 -55.42 -37.86
C ASP B 160 -40.30 -56.01 -37.70
N PRO B 161 -41.26 -55.64 -38.57
CA PRO B 161 -42.61 -56.22 -38.57
C PRO B 161 -42.51 -57.70 -39.00
N SER B 162 -43.08 -58.57 -38.18
CA SER B 162 -42.84 -60.02 -38.24
C SER B 162 -43.33 -60.55 -39.60
N ASN B 163 -44.32 -59.89 -40.26
CA ASN B 163 -44.83 -60.41 -41.56
C ASN B 163 -43.69 -60.49 -42.57
N PHE B 164 -42.49 -59.98 -42.26
CA PHE B 164 -41.37 -59.97 -43.25
C PHE B 164 -40.21 -60.76 -42.67
N LYS B 165 -40.44 -61.66 -41.72
CA LYS B 165 -39.40 -62.66 -41.31
C LYS B 165 -38.77 -63.21 -42.61
N GLY B 166 -37.45 -63.12 -42.78
CA GLY B 166 -36.74 -63.73 -43.93
C GLY B 166 -36.94 -62.99 -45.28
N LYS B 167 -37.96 -62.14 -45.40
CA LYS B 167 -38.30 -61.44 -46.68
C LYS B 167 -37.75 -60.01 -46.68
N PRO B 168 -37.26 -59.53 -47.86
CA PRO B 168 -36.74 -58.18 -48.05
C PRO B 168 -37.95 -57.24 -48.19
N PHE B 169 -37.82 -56.00 -47.69
CA PHE B 169 -38.99 -55.09 -47.63
C PHE B 169 -38.56 -53.65 -47.53
N GLY B 170 -39.49 -52.77 -47.76
CA GLY B 170 -39.23 -51.33 -47.78
C GLY B 170 -40.36 -50.57 -47.12
N ALA B 171 -40.01 -49.50 -46.40
CA ALA B 171 -41.01 -48.69 -45.66
C ALA B 171 -40.41 -47.41 -45.13
N PHE B 172 -41.32 -46.60 -44.62
CA PHE B 172 -40.90 -45.39 -43.86
C PHE B 172 -40.49 -45.74 -42.41
N VAL B 173 -39.86 -44.81 -41.72
CA VAL B 173 -39.26 -45.03 -40.38
C VAL B 173 -39.50 -43.76 -39.55
N ASP B 174 -39.97 -43.93 -38.33
CA ASP B 174 -40.06 -42.91 -37.26
C ASP B 174 -38.81 -43.14 -36.42
N GLY B 175 -37.91 -42.17 -36.38
CA GLY B 175 -36.72 -42.19 -35.51
C GLY B 175 -36.66 -40.92 -34.67
N LEU B 176 -37.82 -40.22 -34.47
CA LEU B 176 -37.72 -38.91 -33.79
C LEU B 176 -37.11 -39.10 -32.42
N ASN B 177 -37.56 -40.18 -31.72
CA ASN B 177 -37.26 -40.58 -30.32
C ASN B 177 -35.91 -41.27 -30.26
N GLY B 178 -35.13 -41.31 -31.32
CA GLY B 178 -33.78 -41.93 -31.29
C GLY B 178 -33.82 -43.43 -31.61
N GLN B 179 -35.03 -44.00 -31.66
CA GLN B 179 -35.20 -45.43 -31.91
C GLN B 179 -36.03 -45.58 -33.16
N ALA B 180 -35.42 -46.21 -34.15
CA ALA B 180 -36.00 -46.48 -35.48
C ALA B 180 -37.24 -47.37 -35.33
N LYS B 181 -38.38 -46.97 -35.92
CA LYS B 181 -39.65 -47.71 -35.84
C LYS B 181 -40.21 -47.73 -37.25
N THR B 182 -40.25 -48.91 -37.89
CA THR B 182 -40.88 -49.15 -39.20
C THR B 182 -42.36 -48.78 -39.12
N ILE B 183 -42.85 -48.09 -40.11
CA ILE B 183 -44.28 -47.78 -40.26
C ILE B 183 -44.78 -48.91 -41.16
N ALA B 184 -45.46 -49.88 -40.52
CA ALA B 184 -46.01 -51.12 -41.11
C ALA B 184 -47.10 -50.83 -42.16
N SER B 185 -48.07 -49.95 -41.87
CA SER B 185 -49.22 -49.67 -42.76
C SER B 185 -48.80 -49.43 -44.21
N SER B 186 -47.67 -48.75 -44.46
CA SER B 186 -47.02 -48.48 -45.79
C SER B 186 -45.98 -49.57 -46.19
N ALA B 187 -45.50 -50.44 -45.26
CA ALA B 187 -44.45 -51.48 -45.48
C ALA B 187 -44.90 -52.51 -46.53
N GLN B 188 -44.08 -52.74 -47.56
CA GLN B 188 -44.45 -53.57 -48.72
C GLN B 188 -43.25 -54.46 -49.06
N SER B 189 -43.51 -55.59 -49.69
CA SER B 189 -42.42 -56.51 -50.05
C SER B 189 -41.68 -55.91 -51.25
N ILE B 190 -40.34 -55.99 -51.27
CA ILE B 190 -39.48 -55.54 -52.40
C ILE B 190 -38.75 -56.72 -52.99
N SER B 191 -38.16 -56.53 -54.16
CA SER B 191 -37.47 -57.62 -54.88
C SER B 191 -36.25 -57.97 -54.06
N GLU B 192 -35.84 -59.21 -54.12
CA GLU B 192 -34.61 -59.65 -53.43
C GLU B 192 -33.40 -59.13 -54.20
N PRO B 193 -32.38 -58.57 -53.57
CA PRO B 193 -31.15 -58.26 -54.27
C PRO B 193 -30.73 -59.39 -55.21
N SER B 194 -30.46 -59.09 -56.49
CA SER B 194 -30.05 -60.06 -57.55
C SER B 194 -28.89 -59.56 -58.43
N ASN B 195 -27.87 -60.38 -58.65
CA ASN B 195 -26.81 -60.12 -59.68
C ASN B 195 -26.43 -58.65 -59.74
N ASN B 196 -26.23 -58.06 -58.56
CA ASN B 196 -25.75 -56.68 -58.28
C ASN B 196 -26.53 -55.68 -59.17
N ASN B 197 -27.84 -55.88 -59.29
CA ASN B 197 -28.67 -55.24 -60.34
C ASN B 197 -29.18 -53.93 -59.79
N PHE B 198 -29.15 -52.87 -60.59
CA PHE B 198 -29.79 -51.58 -60.19
C PHE B 198 -31.31 -51.54 -60.48
N VAL B 199 -32.13 -51.27 -59.49
CA VAL B 199 -33.56 -50.86 -59.63
C VAL B 199 -33.71 -49.36 -59.42
N ASP B 200 -34.81 -48.80 -59.86
CA ASP B 200 -34.99 -47.34 -60.00
C ASP B 200 -35.66 -46.84 -58.73
N PHE B 201 -35.11 -45.80 -58.13
CA PHE B 201 -35.62 -45.13 -56.92
C PHE B 201 -36.03 -43.70 -57.28
N THR B 202 -37.20 -43.28 -56.75
CA THR B 202 -37.69 -41.89 -56.65
C THR B 202 -38.06 -41.50 -55.19
N MET B 203 -37.61 -40.37 -54.67
CA MET B 203 -38.19 -39.75 -53.43
C MET B 203 -38.67 -38.33 -53.75
N SER B 204 -39.96 -38.03 -53.57
CA SER B 204 -40.52 -36.69 -53.92
C SER B 204 -41.20 -36.09 -52.74
N TYR B 205 -41.01 -34.79 -52.46
CA TYR B 205 -41.53 -34.08 -51.26
C TYR B 205 -42.25 -32.82 -51.68
N ASN B 206 -43.56 -32.72 -51.44
CA ASN B 206 -44.35 -31.48 -51.56
C ASN B 206 -44.17 -30.71 -50.29
N GLY B 207 -43.59 -29.53 -50.36
CA GLY B 207 -43.16 -28.82 -49.16
C GLY B 207 -44.33 -28.09 -48.50
N ALA B 208 -45.46 -27.99 -49.20
CA ALA B 208 -46.65 -27.29 -48.68
C ALA B 208 -47.56 -28.26 -47.96
N THR B 209 -47.55 -29.52 -48.39
CA THR B 209 -48.48 -30.53 -47.86
C THR B 209 -47.70 -31.38 -46.87
N LYS B 210 -46.39 -31.37 -47.06
CA LYS B 210 -45.43 -32.14 -46.26
C LYS B 210 -45.81 -33.59 -46.38
N VAL B 211 -45.92 -34.08 -47.61
CA VAL B 211 -46.18 -35.49 -47.98
C VAL B 211 -45.00 -35.97 -48.79
N MET B 212 -44.29 -36.99 -48.36
CA MET B 212 -43.24 -37.58 -49.19
C MET B 212 -43.84 -38.78 -49.99
N SER B 213 -43.30 -39.15 -51.18
CA SER B 213 -43.72 -40.31 -52.04
C SER B 213 -42.47 -41.02 -52.56
N VAL B 214 -42.35 -42.27 -52.20
CA VAL B 214 -41.25 -43.06 -52.76
C VAL B 214 -41.78 -44.07 -53.78
N THR B 215 -40.91 -44.48 -54.70
CA THR B 215 -41.15 -45.52 -55.74
C THR B 215 -39.84 -46.27 -55.93
N TYR B 216 -39.86 -47.56 -55.62
CA TYR B 216 -38.74 -48.49 -55.88
C TYR B 216 -39.30 -49.73 -56.56
N GLY B 217 -38.84 -50.01 -57.79
CA GLY B 217 -39.33 -51.11 -58.63
C GLY B 217 -40.75 -50.79 -59.02
N GLY B 218 -41.71 -51.64 -58.69
CA GLY B 218 -43.09 -51.30 -59.08
C GLY B 218 -43.92 -50.79 -57.94
N GLN B 219 -43.38 -50.78 -56.73
CA GLN B 219 -44.18 -50.41 -55.55
C GLN B 219 -43.99 -48.90 -55.34
N THR B 220 -45.05 -48.30 -54.80
CA THR B 220 -45.14 -46.88 -54.38
C THR B 220 -45.66 -46.78 -52.95
N TRP B 221 -44.97 -45.97 -52.16
CA TRP B 221 -45.32 -45.56 -50.77
C TRP B 221 -45.67 -44.06 -50.74
N THR B 222 -46.61 -43.70 -49.89
CA THR B 222 -46.85 -42.30 -49.50
C THR B 222 -46.83 -42.19 -48.00
N GLN B 223 -46.27 -41.09 -47.52
CA GLN B 223 -46.20 -40.78 -46.08
C GLN B 223 -46.52 -39.30 -45.82
N ASP B 224 -47.37 -39.01 -44.86
CA ASP B 224 -47.48 -37.63 -44.34
C ASP B 224 -46.30 -37.42 -43.36
N VAL B 225 -45.39 -36.47 -43.60
CA VAL B 225 -44.17 -36.27 -42.75
C VAL B 225 -44.30 -34.94 -42.02
N SER B 226 -45.54 -34.47 -41.89
CA SER B 226 -45.82 -33.17 -41.25
C SER B 226 -45.38 -33.20 -39.76
N SER B 227 -45.66 -34.31 -39.05
CA SER B 227 -45.26 -34.61 -37.65
C SER B 227 -43.76 -34.90 -37.54
N PHE B 228 -43.04 -35.08 -38.65
CA PHE B 228 -41.61 -35.42 -38.62
C PHE B 228 -40.82 -34.18 -38.84
N VAL B 229 -41.47 -33.11 -39.31
CA VAL B 229 -40.75 -31.91 -39.77
C VAL B 229 -41.09 -30.75 -38.87
N GLY B 230 -42.38 -30.43 -38.78
CA GLY B 230 -42.79 -29.38 -37.84
C GLY B 230 -42.29 -28.02 -38.31
N THR B 231 -41.45 -27.31 -37.53
CA THR B 231 -41.10 -25.85 -37.74
C THR B 231 -39.64 -25.67 -38.17
N ASN B 232 -38.87 -26.77 -38.19
CA ASN B 232 -37.41 -26.79 -38.51
C ASN B 232 -37.20 -26.11 -39.85
N GLN B 233 -37.86 -26.72 -40.82
CA GLN B 233 -37.76 -26.24 -42.20
C GLN B 233 -36.27 -26.25 -42.55
N ALA B 234 -35.44 -27.16 -42.01
CA ALA B 234 -34.00 -27.20 -42.38
C ALA B 234 -33.49 -28.50 -41.89
N MET B 235 -33.31 -29.49 -42.76
CA MET B 235 -33.06 -30.91 -42.35
C MET B 235 -31.86 -31.40 -43.12
N SER B 236 -30.93 -32.07 -42.47
CA SER B 236 -29.79 -32.74 -43.14
C SER B 236 -30.31 -33.97 -43.90
N PHE B 237 -29.48 -34.56 -44.77
CA PHE B 237 -29.87 -35.71 -45.62
C PHE B 237 -28.62 -36.58 -45.74
N SER B 238 -28.87 -37.86 -45.67
CA SER B 238 -27.76 -38.84 -45.82
C SER B 238 -28.36 -40.11 -46.37
N ILE B 239 -27.66 -40.78 -47.27
CA ILE B 239 -28.10 -42.13 -47.72
C ILE B 239 -27.02 -43.03 -47.19
N ALA B 240 -27.40 -44.05 -46.39
CA ALA B 240 -26.41 -44.94 -45.72
C ALA B 240 -26.75 -46.37 -46.01
N ALA B 241 -25.69 -47.17 -46.05
CA ALA B 241 -25.75 -48.65 -46.22
C ALA B 241 -24.86 -49.31 -45.16
N SER B 242 -25.18 -50.55 -44.81
CA SER B 242 -24.53 -51.35 -43.73
C SER B 242 -24.44 -52.82 -44.14
N THR B 243 -23.31 -53.42 -43.80
CA THR B 243 -23.18 -54.89 -43.71
C THR B 243 -22.85 -55.30 -42.26
N GLY B 244 -23.30 -56.49 -41.93
CA GLY B 244 -22.83 -57.13 -40.73
C GLY B 244 -22.27 -58.45 -41.09
N ALA B 245 -22.66 -59.47 -40.37
CA ALA B 245 -22.13 -60.83 -40.57
C ALA B 245 -22.46 -61.25 -42.00
N PHE B 246 -23.66 -60.82 -42.41
CA PHE B 246 -24.13 -60.87 -43.80
C PHE B 246 -23.80 -59.56 -44.50
N MET B 247 -23.53 -59.65 -45.81
CA MET B 247 -22.88 -58.61 -46.68
C MET B 247 -23.65 -58.57 -47.99
N ASN B 248 -23.37 -57.54 -48.80
CA ASN B 248 -23.96 -57.23 -50.12
C ASN B 248 -23.18 -56.04 -50.66
N LEU B 249 -22.69 -56.12 -51.90
CA LEU B 249 -22.23 -54.88 -52.56
C LEU B 249 -23.44 -53.97 -52.72
N GLN B 250 -23.36 -52.74 -52.18
CA GLN B 250 -24.51 -51.83 -52.06
C GLN B 250 -24.10 -50.49 -52.68
N GLN B 251 -24.67 -50.10 -53.82
CA GLN B 251 -24.24 -48.89 -54.60
C GLN B 251 -25.43 -47.98 -55.02
N LEU B 252 -25.09 -46.71 -55.27
CA LEU B 252 -26.00 -45.71 -55.90
C LEU B 252 -25.53 -45.33 -57.33
N ARG B 253 -26.46 -45.11 -58.25
CA ARG B 253 -26.16 -44.70 -59.66
C ARG B 253 -27.10 -43.60 -60.22
N ASN B 254 -26.51 -42.72 -61.00
CA ASN B 254 -27.34 -41.73 -61.71
C ASN B 254 -28.09 -40.90 -60.68
N VAL B 255 -27.35 -40.17 -59.84
CA VAL B 255 -28.05 -39.51 -58.72
C VAL B 255 -28.43 -38.14 -59.19
N ASN B 256 -29.73 -37.78 -59.10
CA ASN B 256 -30.31 -36.46 -59.48
C ASN B 256 -31.15 -35.86 -58.36
N PHE B 257 -30.70 -34.71 -57.81
CA PHE B 257 -31.36 -34.12 -56.62
C PHE B 257 -31.74 -32.70 -56.95
N THR B 258 -33.04 -32.42 -57.13
CA THR B 258 -33.57 -31.03 -57.21
C THR B 258 -34.14 -30.69 -55.85
N TYR B 259 -33.59 -29.66 -55.19
CA TYR B 259 -34.10 -29.15 -53.90
C TYR B 259 -33.88 -27.67 -53.72
N THR B 260 -34.40 -27.12 -52.63
CA THR B 260 -34.03 -25.76 -52.21
C THR B 260 -33.10 -25.83 -51.02
N VAL B 261 -31.80 -25.64 -51.23
CA VAL B 261 -30.77 -25.61 -50.16
C VAL B 261 -31.19 -24.64 -49.09
N ALA B 262 -31.02 -25.05 -47.84
CA ALA B 262 -31.55 -24.32 -46.66
C ALA B 262 -30.62 -23.19 -46.23
N GLN B 263 -31.20 -22.21 -45.57
CA GLN B 263 -30.39 -21.09 -45.06
C GLN B 263 -29.69 -21.60 -43.85
N GLY B 264 -28.54 -21.03 -43.54
CA GLY B 264 -27.88 -21.30 -42.25
C GLY B 264 -28.54 -20.50 -41.12
N THR B 265 -28.35 -20.96 -39.88
CA THR B 265 -28.80 -20.29 -38.63
C THR B 265 -27.63 -20.00 -37.68
N VAL B 266 -27.70 -18.82 -37.05
CA VAL B 266 -26.75 -18.43 -35.97
C VAL B 266 -27.57 -18.09 -34.75
N ILE B 267 -27.20 -18.71 -33.63
CA ILE B 267 -27.85 -18.52 -32.33
C ILE B 267 -26.91 -17.66 -31.49
N ALA B 268 -27.39 -16.53 -30.97
CA ALA B 268 -26.67 -15.68 -29.97
C ALA B 268 -27.20 -15.91 -28.57
N ASN B 269 -26.43 -16.58 -27.74
CA ASN B 269 -26.76 -16.76 -26.30
C ASN B 269 -26.22 -15.60 -25.41
N TYR B 270 -26.98 -15.10 -24.41
CA TYR B 270 -26.46 -14.09 -23.47
C TYR B 270 -26.56 -14.65 -22.06
N VAL B 271 -25.49 -15.20 -21.53
CA VAL B 271 -25.51 -15.91 -20.23
C VAL B 271 -24.44 -15.33 -19.29
N ASP B 272 -24.62 -15.57 -18.00
CA ASP B 272 -23.66 -15.33 -16.92
C ASP B 272 -22.68 -16.51 -16.87
N GLU B 273 -21.78 -16.47 -15.86
CA GLU B 273 -20.50 -17.24 -15.84
C GLU B 273 -20.78 -18.63 -15.33
N GLN B 274 -21.99 -18.81 -14.80
CA GLN B 274 -22.44 -20.14 -14.35
C GLN B 274 -23.20 -20.74 -15.51
N GLY B 275 -23.61 -19.94 -16.50
CA GLY B 275 -24.35 -20.45 -17.67
C GLY B 275 -25.83 -20.16 -17.66
N ASN B 276 -26.35 -19.34 -16.74
CA ASN B 276 -27.80 -19.00 -16.65
C ASN B 276 -28.11 -17.89 -17.66
N THR B 277 -29.26 -17.94 -18.33
CA THR B 277 -29.56 -16.99 -19.42
C THR B 277 -29.97 -15.71 -18.77
N ILE B 278 -29.46 -14.56 -19.21
CA ILE B 278 -29.66 -13.25 -18.54
C ILE B 278 -30.16 -12.23 -19.55
N ALA B 279 -30.39 -12.62 -20.79
CA ALA B 279 -31.07 -11.79 -21.82
C ALA B 279 -31.59 -12.68 -22.97
N GLN B 280 -32.48 -12.13 -23.78
CA GLN B 280 -33.31 -12.94 -24.69
C GLN B 280 -32.38 -13.48 -25.76
N GLN B 281 -32.38 -14.81 -26.00
CA GLN B 281 -31.50 -15.50 -26.98
C GLN B 281 -31.89 -14.89 -28.32
N GLU B 282 -31.01 -14.56 -29.25
CA GLU B 282 -31.39 -14.02 -30.59
C GLU B 282 -30.96 -15.04 -31.64
N THR B 283 -31.93 -15.44 -32.45
CA THR B 283 -31.75 -16.42 -33.54
C THR B 283 -31.97 -15.69 -34.85
N THR B 284 -31.01 -15.77 -35.75
CA THR B 284 -31.07 -15.12 -37.07
C THR B 284 -30.73 -16.14 -38.14
N SER B 285 -31.19 -15.84 -39.33
CA SER B 285 -31.02 -16.76 -40.44
C SER B 285 -30.72 -16.02 -41.76
N GLY B 286 -29.74 -16.55 -42.51
CA GLY B 286 -29.44 -16.10 -43.88
C GLY B 286 -28.77 -17.15 -44.75
N ASP B 287 -28.77 -16.95 -46.08
CA ASP B 287 -28.12 -17.77 -47.16
C ASP B 287 -26.62 -18.08 -46.90
N ILE B 288 -26.24 -19.32 -47.11
CA ILE B 288 -24.88 -19.82 -46.82
C ILE B 288 -23.90 -18.87 -47.51
N ASP B 289 -22.83 -18.54 -46.81
CA ASP B 289 -21.72 -17.65 -47.25
C ASP B 289 -22.17 -16.19 -47.29
N THR B 290 -23.43 -15.82 -47.04
CA THR B 290 -23.76 -14.41 -46.76
C THR B 290 -23.33 -14.08 -45.33
N PRO B 291 -23.10 -12.80 -44.97
CA PRO B 291 -22.48 -12.44 -43.69
C PRO B 291 -23.47 -12.38 -42.51
N TYR B 292 -23.01 -12.63 -41.26
CA TYR B 292 -23.78 -12.43 -39.99
C TYR B 292 -23.06 -11.56 -38.97
N VAL B 293 -23.87 -10.91 -38.13
CA VAL B 293 -23.38 -9.95 -37.10
C VAL B 293 -24.17 -10.19 -35.82
N THR B 294 -23.58 -10.71 -34.76
CA THR B 294 -24.29 -10.75 -33.46
C THR B 294 -23.98 -9.51 -32.58
N SER B 295 -24.97 -9.04 -31.84
CA SER B 295 -24.84 -7.83 -30.99
C SER B 295 -24.31 -8.21 -29.60
N GLN B 296 -23.43 -7.36 -29.04
CA GLN B 296 -22.99 -7.54 -27.65
C GLN B 296 -23.97 -6.70 -26.85
N LYS B 297 -24.74 -7.32 -25.96
CA LYS B 297 -25.82 -6.56 -25.28
C LYS B 297 -25.31 -5.80 -24.05
N THR B 298 -26.03 -4.76 -23.66
CA THR B 298 -25.71 -4.01 -22.43
C THR B 298 -26.77 -4.49 -21.44
N ILE B 299 -26.48 -5.45 -20.61
CA ILE B 299 -27.45 -6.09 -19.71
C ILE B 299 -27.41 -5.42 -18.34
N PRO B 300 -28.45 -4.67 -17.99
CA PRO B 300 -28.50 -4.07 -16.67
C PRO B 300 -28.17 -5.10 -15.60
N GLY B 301 -27.08 -4.87 -14.90
CA GLY B 301 -26.79 -5.58 -13.64
C GLY B 301 -25.61 -6.49 -13.83
N TYR B 302 -25.00 -6.45 -15.03
CA TYR B 302 -23.88 -7.32 -15.46
C TYR B 302 -22.96 -6.58 -16.43
N THR B 303 -21.69 -7.01 -16.49
CA THR B 303 -20.74 -6.41 -17.45
C THR B 303 -20.29 -7.52 -18.43
N PHE B 304 -20.21 -7.21 -19.73
CA PHE B 304 -19.67 -8.15 -20.72
C PHE B 304 -18.28 -8.61 -20.28
N LYS B 305 -18.04 -9.91 -20.15
CA LYS B 305 -16.71 -10.48 -19.85
C LYS B 305 -16.07 -10.87 -21.18
N ALA B 306 -16.48 -11.96 -21.83
CA ALA B 306 -15.79 -12.61 -22.98
C ALA B 306 -16.79 -13.40 -23.80
N SER B 307 -16.66 -13.44 -25.13
CA SER B 307 -17.44 -14.35 -26.04
C SER B 307 -16.85 -15.75 -25.98
N ASN B 308 -17.63 -16.82 -26.13
CA ASN B 308 -17.10 -18.18 -26.43
C ASN B 308 -17.88 -18.80 -27.62
N GLY B 309 -17.31 -19.92 -28.11
CA GLY B 309 -17.88 -20.67 -29.26
C GLY B 309 -17.71 -19.89 -30.57
N ALA B 310 -18.73 -19.55 -31.32
CA ALA B 310 -18.46 -19.00 -32.67
C ALA B 310 -18.05 -17.55 -32.57
N ALA B 311 -17.75 -16.97 -33.74
CA ALA B 311 -17.27 -15.59 -33.89
C ALA B 311 -18.46 -14.68 -33.71
N THR B 312 -18.28 -13.43 -33.26
CA THR B 312 -19.45 -12.54 -33.09
C THR B 312 -20.00 -12.28 -34.48
N SER B 313 -19.15 -12.17 -35.50
CA SER B 313 -19.53 -11.85 -36.91
C SER B 313 -18.72 -12.72 -37.84
N GLY B 314 -19.27 -12.95 -39.03
CA GLY B 314 -18.76 -14.03 -39.89
C GLY B 314 -19.74 -14.33 -40.99
N ASN B 315 -19.65 -15.54 -41.56
CA ASN B 315 -20.58 -15.93 -42.67
C ASN B 315 -21.48 -17.11 -42.21
N TYR B 316 -22.82 -17.02 -42.38
CA TYR B 316 -23.77 -18.14 -42.19
C TYR B 316 -23.24 -19.41 -42.84
N ALA B 317 -23.67 -20.52 -42.28
CA ALA B 317 -23.16 -21.83 -42.73
C ALA B 317 -24.27 -22.83 -42.54
N ALA B 318 -24.11 -23.97 -43.22
CA ALA B 318 -25.12 -25.03 -43.27
C ALA B 318 -25.42 -25.55 -41.87
N ASN B 319 -24.43 -25.96 -41.10
CA ASN B 319 -24.64 -26.29 -39.67
C ASN B 319 -24.66 -25.05 -38.75
N ASP B 320 -25.43 -25.17 -37.67
CA ASP B 320 -25.81 -24.08 -36.73
C ASP B 320 -24.50 -23.59 -36.14
N GLN B 321 -24.40 -22.26 -35.99
CA GLN B 321 -23.31 -21.58 -35.23
C GLN B 321 -23.91 -20.88 -34.00
N THR B 322 -23.46 -21.32 -32.84
CA THR B 322 -23.83 -20.69 -31.57
C THR B 322 -22.62 -19.96 -31.06
N VAL B 323 -22.79 -18.64 -30.88
CA VAL B 323 -21.90 -17.73 -30.09
C VAL B 323 -22.58 -17.48 -28.75
N ASN B 324 -21.91 -17.78 -27.64
CA ASN B 324 -22.35 -17.31 -26.29
C ASN B 324 -21.49 -16.09 -25.83
N TYR B 325 -22.11 -14.97 -25.61
CA TYR B 325 -21.59 -13.87 -24.76
C TYR B 325 -21.76 -14.20 -23.25
N VAL B 326 -20.64 -14.29 -22.50
CA VAL B 326 -20.54 -14.47 -21.02
C VAL B 326 -20.40 -13.07 -20.38
N TYR B 327 -20.91 -12.93 -19.17
CA TYR B 327 -21.10 -11.62 -18.53
C TYR B 327 -20.79 -11.84 -17.05
N THR B 328 -19.95 -10.94 -16.47
CA THR B 328 -19.72 -10.79 -14.99
C THR B 328 -20.90 -10.01 -14.36
N ARG B 329 -21.27 -10.48 -13.16
CA ARG B 329 -22.27 -9.79 -12.33
C ARG B 329 -21.65 -8.56 -11.64
N ASN B 330 -22.03 -7.33 -12.06
CA ASN B 330 -21.80 -6.04 -11.29
C ASN B 330 -21.98 -6.19 -9.77
N GLN B 331 -20.92 -5.84 -9.04
CA GLN B 331 -20.87 -5.98 -7.56
C GLN B 331 -20.67 -4.57 -6.91
N GLY B 332 -21.04 -4.51 -5.64
CA GLY B 332 -21.11 -3.26 -4.83
C GLY B 332 -20.57 -3.47 -3.42
N SER B 333 -20.03 -2.39 -2.86
CA SER B 333 -19.48 -2.44 -1.49
C SER B 333 -20.31 -1.59 -0.50
N ILE B 334 -20.45 -2.12 0.72
CA ILE B 334 -20.98 -1.38 1.91
C ILE B 334 -20.02 -1.66 3.07
N ASP B 335 -19.51 -0.60 3.72
CA ASP B 335 -18.62 -0.59 4.92
C ASP B 335 -19.40 0.14 6.04
N VAL B 336 -19.39 -0.42 7.23
CA VAL B 336 -20.01 0.22 8.43
C VAL B 336 -18.89 0.29 9.45
N THR B 337 -18.28 1.47 9.59
CA THR B 337 -17.24 1.75 10.60
C THR B 337 -17.90 2.16 11.93
N TYR B 338 -17.77 1.30 12.94
CA TYR B 338 -18.20 1.60 14.32
C TYR B 338 -17.05 2.35 15.02
N ILE B 339 -17.36 3.47 15.66
CA ILE B 339 -16.32 4.29 16.33
C ILE B 339 -16.77 4.63 17.77
N ASP B 340 -15.78 4.57 18.69
CA ASP B 340 -15.82 5.11 20.08
C ASP B 340 -15.16 6.50 20.09
N GLN B 341 -15.98 7.55 20.35
CA GLN B 341 -15.58 8.98 20.39
C GLN B 341 -14.60 9.21 21.56
N THR B 342 -15.00 8.93 22.84
CA THR B 342 -14.19 9.01 24.11
C THR B 342 -12.78 8.44 23.84
N THR B 343 -12.54 7.11 23.81
CA THR B 343 -11.28 6.49 23.29
C THR B 343 -10.83 7.23 22.01
N GLY B 344 -11.72 7.38 21.04
CA GLY B 344 -11.33 7.78 19.68
C GLY B 344 -10.80 6.60 18.91
N GLN B 345 -11.40 5.42 19.10
CA GLN B 345 -10.89 4.18 18.49
C GLN B 345 -12.01 3.56 17.67
N THR B 346 -11.62 2.91 16.54
CA THR B 346 -12.39 1.98 15.68
C THR B 346 -12.60 0.65 16.42
N LEU B 347 -13.65 0.56 17.24
CA LEU B 347 -14.24 -0.69 17.83
C LEU B 347 -14.44 -1.82 16.78
N SER B 348 -15.15 -1.63 15.68
CA SER B 348 -15.26 -2.68 14.64
C SER B 348 -15.51 -2.03 13.27
N LYS B 349 -15.33 -2.85 12.24
CA LYS B 349 -15.69 -2.49 10.84
C LYS B 349 -16.36 -3.71 10.21
N LYS B 350 -17.60 -3.56 9.69
CA LYS B 350 -18.30 -4.58 8.84
C LYS B 350 -18.13 -4.15 7.39
N ASP B 351 -17.46 -5.00 6.62
CA ASP B 351 -17.43 -4.94 5.14
C ASP B 351 -18.59 -5.82 4.70
N LEU B 352 -19.39 -5.30 3.79
CA LEU B 352 -20.45 -6.02 3.08
C LEU B 352 -20.18 -5.83 1.58
N SER B 353 -20.32 -6.90 0.80
CA SER B 353 -20.26 -6.91 -0.70
C SER B 353 -21.34 -7.86 -1.20
N GLY B 354 -21.72 -7.66 -2.45
CA GLY B 354 -22.79 -8.44 -3.08
C GLY B 354 -23.18 -7.86 -4.42
N GLY B 355 -24.06 -8.51 -5.15
CA GLY B 355 -24.40 -8.01 -6.49
C GLY B 355 -25.33 -6.80 -6.44
N THR B 356 -25.09 -5.89 -7.36
CA THR B 356 -25.81 -4.60 -7.42
C THR B 356 -27.28 -4.90 -7.60
N GLY B 357 -28.09 -4.51 -6.63
CA GLY B 357 -29.55 -4.53 -6.70
C GLY B 357 -30.05 -5.38 -5.56
N ASP B 358 -29.14 -6.21 -4.97
CA ASP B 358 -29.53 -7.16 -3.90
C ASP B 358 -29.54 -6.45 -2.54
N SER B 359 -30.22 -7.04 -1.55
CA SER B 359 -30.24 -6.46 -0.19
C SER B 359 -28.99 -6.93 0.54
N SER B 360 -28.54 -6.13 1.53
CA SER B 360 -27.40 -6.43 2.43
C SER B 360 -27.82 -7.45 3.48
N ASN B 361 -29.09 -7.40 3.91
CA ASN B 361 -29.64 -8.26 4.99
C ASN B 361 -28.76 -8.05 6.22
N TYR B 362 -28.41 -6.79 6.53
CA TYR B 362 -27.66 -6.32 7.71
C TYR B 362 -28.36 -5.11 8.32
N THR B 363 -28.43 -5.13 9.64
CA THR B 363 -28.83 -3.96 10.43
C THR B 363 -27.68 -3.72 11.37
N THR B 364 -27.58 -2.52 11.88
CA THR B 364 -26.55 -2.19 12.88
C THR B 364 -26.96 -2.72 14.24
N THR B 365 -28.17 -2.33 14.70
CA THR B 365 -28.71 -2.78 16.04
C THR B 365 -27.93 -3.94 16.74
N ASP B 366 -27.67 -5.08 16.10
CA ASP B 366 -27.12 -6.24 16.83
C ASP B 366 -25.76 -5.84 17.42
N THR B 367 -24.86 -5.34 16.60
CA THR B 367 -23.52 -4.88 17.06
C THR B 367 -23.61 -3.61 17.95
N ILE B 368 -24.69 -2.78 17.84
CA ILE B 368 -25.01 -1.61 18.73
C ILE B 368 -25.28 -2.16 20.13
N LYS B 369 -26.26 -3.04 20.26
CA LYS B 369 -26.66 -3.69 21.54
C LYS B 369 -25.55 -4.55 22.19
N SER B 370 -24.60 -5.21 21.48
CA SER B 370 -23.44 -5.91 22.11
C SER B 370 -22.65 -4.92 22.98
N TYR B 371 -22.57 -3.67 22.49
CA TYR B 371 -21.83 -2.52 23.07
C TYR B 371 -22.66 -1.70 24.07
N THR B 372 -23.99 -1.54 23.97
CA THR B 372 -24.86 -0.96 25.07
C THR B 372 -25.08 -1.98 26.20
N ASP B 373 -24.74 -3.26 25.97
CA ASP B 373 -24.64 -4.35 26.99
C ASP B 373 -23.28 -4.28 27.71
N ALA B 374 -22.21 -3.92 27.00
CA ALA B 374 -20.89 -3.54 27.58
C ALA B 374 -20.89 -2.05 28.02
N GLY B 375 -22.11 -1.45 28.19
CA GLY B 375 -22.45 -0.20 28.89
C GLY B 375 -22.05 1.06 28.13
N TYR B 376 -21.76 1.01 26.82
CA TYR B 376 -21.52 2.23 26.00
C TYR B 376 -22.88 2.81 25.63
N GLU B 377 -22.84 4.04 25.12
CA GLU B 377 -24.04 4.88 24.85
C GLU B 377 -24.01 5.09 23.34
N LEU B 378 -25.17 5.14 22.70
CA LEU B 378 -25.19 5.35 21.25
C LEU B 378 -25.34 6.85 20.99
N VAL B 379 -24.29 7.51 20.45
CA VAL B 379 -24.36 8.94 20.03
C VAL B 379 -25.14 9.07 18.72
N SER B 380 -24.73 8.35 17.66
CA SER B 380 -25.29 8.45 16.28
C SER B 380 -24.98 7.17 15.48
N ASP B 381 -25.85 6.89 14.48
CA ASP B 381 -25.87 5.77 13.49
C ASP B 381 -26.47 6.25 12.16
N ASN B 382 -25.68 6.54 11.11
CA ASN B 382 -26.23 6.98 9.78
C ASN B 382 -26.71 5.80 8.94
N TYR B 383 -26.62 4.54 9.41
CA TYR B 383 -26.87 3.35 8.55
C TYR B 383 -28.36 3.29 8.26
N PRO B 384 -28.72 3.31 6.96
CA PRO B 384 -30.10 3.58 6.60
C PRO B 384 -31.03 2.68 7.45
N SER B 385 -32.08 3.30 8.00
CA SER B 385 -33.09 2.62 8.87
C SER B 385 -33.97 1.72 8.01
N GLY B 386 -34.15 2.00 6.73
CA GLY B 386 -34.99 1.16 5.86
C GLY B 386 -34.21 -0.04 5.33
N GLY B 387 -32.89 0.09 5.30
CA GLY B 387 -31.92 -0.94 4.93
C GLY B 387 -31.04 -0.43 3.83
N THR B 388 -30.05 -1.23 3.45
CA THR B 388 -29.25 -0.97 2.23
C THR B 388 -29.51 -2.03 1.14
N VAL B 389 -29.05 -1.65 -0.05
CA VAL B 389 -28.95 -2.50 -1.26
C VAL B 389 -27.61 -2.17 -1.92
N PHE B 390 -26.74 -3.13 -2.17
CA PHE B 390 -25.46 -2.89 -2.93
C PHE B 390 -25.66 -2.10 -4.25
N THR B 391 -24.74 -1.21 -4.55
CA THR B 391 -24.83 -0.30 -5.73
C THR B 391 -23.47 -0.25 -6.41
N ASP B 392 -23.37 0.45 -7.53
CA ASP B 392 -22.07 0.54 -8.26
C ASP B 392 -21.07 1.39 -7.46
N THR B 393 -21.45 2.60 -7.06
CA THR B 393 -20.73 3.43 -6.05
C THR B 393 -20.77 2.79 -4.65
N ALA B 394 -19.60 2.57 -4.05
CA ALA B 394 -19.49 1.99 -2.69
C ALA B 394 -20.17 2.93 -1.67
N GLN B 395 -20.73 2.33 -0.59
CA GLN B 395 -21.51 3.06 0.45
C GLN B 395 -20.69 2.95 1.73
N HIS B 396 -20.52 4.07 2.44
CA HIS B 396 -19.60 4.20 3.58
C HIS B 396 -20.40 4.79 4.73
N TYR B 397 -20.73 3.96 5.73
CA TYR B 397 -21.58 4.33 6.90
C TYR B 397 -20.79 4.22 8.20
N VAL B 398 -21.25 4.96 9.20
CA VAL B 398 -20.51 5.21 10.46
C VAL B 398 -21.47 5.11 11.65
N VAL B 399 -21.09 4.34 12.67
CA VAL B 399 -21.88 4.28 13.93
C VAL B 399 -21.00 4.88 15.00
N ASN B 400 -21.51 5.91 15.69
CA ASN B 400 -20.68 6.72 16.61
C ASN B 400 -21.19 6.47 18.02
N LEU B 401 -20.35 5.82 18.84
CA LEU B 401 -20.67 5.46 20.26
C LEU B 401 -19.69 6.16 21.19
N LYS B 402 -20.06 6.29 22.45
CA LYS B 402 -19.17 6.80 23.53
C LYS B 402 -19.22 5.79 24.71
N GLN B 403 -18.20 5.80 25.59
CA GLN B 403 -18.25 5.13 26.92
C GLN B 403 -19.15 5.96 27.84
N LYS B 404 -20.14 5.30 28.44
CA LYS B 404 -21.20 5.94 29.25
C LYS B 404 -20.54 6.37 30.56
N LEU B 405 -21.01 7.46 31.13
CA LEU B 405 -20.55 7.97 32.46
C LEU B 405 -21.79 8.47 33.22
N VAL B 406 -22.10 7.87 34.39
CA VAL B 406 -23.27 8.22 35.24
C VAL B 406 -22.75 9.04 36.43
N VAL B 407 -23.38 10.21 36.66
CA VAL B 407 -22.94 11.22 37.66
C VAL B 407 -23.55 10.88 39.02
N SER B 408 -22.72 10.51 40.02
CA SER B 408 -23.14 10.21 41.43
C SER B 408 -22.75 11.35 42.38
N SER B 409 -23.33 11.35 43.58
CA SER B 409 -23.02 12.32 44.68
C SER B 409 -23.24 11.66 46.04
N SER B 442 -17.87 15.34 43.07
CA SER B 442 -18.81 14.42 42.36
C SER B 442 -18.10 13.11 41.96
N VAL B 443 -18.88 12.03 41.72
CA VAL B 443 -18.43 10.66 41.26
C VAL B 443 -19.08 10.39 39.90
N THR B 444 -18.46 10.80 38.78
CA THR B 444 -18.87 10.40 37.41
C THR B 444 -18.20 9.06 37.11
N THR B 445 -18.96 7.95 37.13
CA THR B 445 -18.48 6.54 36.99
C THR B 445 -18.62 6.08 35.53
N ASN B 446 -17.46 5.81 34.90
CA ASN B 446 -17.40 5.23 33.54
C ASN B 446 -17.87 3.78 33.58
N GLN B 447 -18.82 3.39 32.72
CA GLN B 447 -19.52 2.09 32.83
C GLN B 447 -18.78 1.05 31.99
N VAL B 448 -17.66 1.42 31.31
CA VAL B 448 -16.87 0.52 30.41
C VAL B 448 -15.47 0.30 31.00
N THR B 449 -14.68 1.36 31.12
CA THR B 449 -13.33 1.30 31.74
C THR B 449 -13.52 1.07 33.25
N GLY B 450 -14.45 1.77 33.92
CA GLY B 450 -14.71 1.68 35.38
C GLY B 450 -14.21 2.88 36.21
N GLU B 451 -13.22 3.60 35.68
CA GLU B 451 -12.75 4.88 36.27
C GLU B 451 -14.00 5.64 36.81
N LYS B 452 -13.93 6.07 38.05
CA LYS B 452 -14.87 7.06 38.63
C LYS B 452 -14.13 8.42 38.69
N THR B 453 -14.45 9.40 37.84
CA THR B 453 -13.86 10.78 37.96
C THR B 453 -14.31 11.38 39.29
#